data_7ZE5
#
_entry.id   7ZE5
#
loop_
_entity.id
_entity.type
_entity.pdbx_description
1 polymer 'ATP-binding/permease protein CydC'
2 polymer 'ATP-binding/permease protein CydD'
3 non-polymer 'MAGNESIUM ION'
4 non-polymer "ADENOSINE-5'-TRIPHOSPHATE"
5 non-polymer 'PHOSPHOAMINOPHOSPHONIC ACID-ADENYLATE ESTER'
#
loop_
_entity_poly.entity_id
_entity_poly.type
_entity_poly.pdbx_seq_one_letter_code
_entity_poly.pdbx_strand_id
1 'polypeptide(L)'
;MRALLPYLALYKRHKWMLSLGIVLAIVTLLASIGLLTLSGWFLSASAVAGVAGLYSFNYMLPAAGVRGAAITRTAGRYFE
RLVSHDATFRVLQHLRIYTFSKLLPLSPAGLARYRQGELLNRVVADVDTLDHLYLRVISPLVGAFVVIMVVTIGLSFLDF
TLAFTLGGIMLLTLFLMPPLFYRAGKSTGQNLTHLRGQYRQQLTAWLQGQAELTIFGASDRYRTQLENTEIQWLEAQRRQ
SELTALSQAIMLLIGALAVILMLWMASGGVGGNAQPGALIALFVFCALAAFEALAPVTGAFQHLGQVIASAVRISDLTDQ
KPEVTFPDTQTRVADRVSLTLRDVQFTYPEQSQQALKGISLQVNAGEHIAILGRTGCGKSTLLQQLTRAWDPQQGEILLN
DSPIASLNEAALRQTISVVPQRVHLFSATLRDNLLLASPGSSDEALSEILRRVGLEKLLEDAGLNSWLGEGGRQLSGGEL
RRLAIARALLHDAPLVLLDQPTEGLDATTESQILELLAEMMREKTVLMVTHRLRGLSRFQQIIVMDNGQIIEQGTHAELL
ARQGRYYQFKQGL
;
C
2 'polypeptide(L)'
;MNKSRQKELTRWLKQQSVISQRWLNISRLLGFVSGILIIAQAWFMARILQHMIMENIPREALLLPFTLLVLTFVLRAWVV
WLRERVGYHAGQHIRFAIRRQVLDRLQQAGPAWIQGKPAGSWATLVLEQIDDMHDYYARYLPQMALAVSVPLLIVVAIFP
SNWAAALILLGTAPLIPLFMALVGMGAADANRRNFLALARLSGHFLDRLRGMETLRIFGRGEAEIESIRSASEDFRQRTM
EVLRLAFLSSGILEFFTSLSIALVAVYFGFSYLGELDFGHYDTGVTLAAGFLALILAPEFFQPLRDLGTFYHAKAQAVGA
ADSLKTFMETPLAHPQRGEAELASTDPVTIEAEELFITSPEGKTLAGPLNFTLPAGQRAVLVGRSGSGKSSLLNALSGFL
SYQGSLRINGIELRDLSPESWRKHLSWVGQNPQLPAATLRDNVLLARPDASEQELQAALDNAWVSEFLPLLPQGVDTPVG
DQAARLSVGQAQRVAVARALLNPCSLLLLDEPAASLDAHSEQRVMEALNAASLRQTTLMVTHQLEDLADWDVIWVMQDGR
IIEQGRYAELSVAGGPFATLLAHRQEEI
;
D
#
# COMPACT_ATOMS: atom_id res chain seq x y z
N MET A 1 22.15 -10.13 -10.26
CA MET A 1 22.52 -9.68 -8.92
C MET A 1 23.30 -8.37 -9.04
N ARG A 2 23.65 -8.00 -10.27
CA ARG A 2 24.40 -6.74 -10.52
C ARG A 2 23.48 -5.52 -10.36
N ALA A 3 22.17 -5.74 -10.21
CA ALA A 3 21.25 -4.62 -10.03
C ALA A 3 21.29 -4.03 -8.63
N LEU A 4 21.99 -4.65 -7.70
CA LEU A 4 22.07 -4.14 -6.33
C LEU A 4 23.19 -3.13 -6.13
N LEU A 5 24.06 -2.94 -7.11
CA LEU A 5 25.15 -1.99 -6.96
C LEU A 5 24.70 -0.56 -6.72
N PRO A 6 23.70 -0.01 -7.41
CA PRO A 6 23.26 1.37 -7.09
C PRO A 6 22.74 1.52 -5.68
N TYR A 7 22.32 0.44 -5.04
CA TYR A 7 21.75 0.50 -3.69
C TYR A 7 22.75 0.11 -2.61
N LEU A 8 23.74 -0.71 -2.92
CA LEU A 8 24.83 -0.93 -1.99
C LEU A 8 25.68 0.32 -1.83
N ALA A 9 25.69 1.18 -2.85
CA ALA A 9 26.43 2.43 -2.80
C ALA A 9 25.79 3.44 -1.84
N LEU A 10 24.58 3.16 -1.35
CA LEU A 10 23.96 4.01 -0.35
C LEU A 10 24.50 3.75 1.05
N TYR A 11 25.36 2.74 1.21
CA TYR A 11 26.10 2.56 2.45
C TYR A 11 26.95 3.79 2.77
N LYS A 12 27.42 4.50 1.75
CA LYS A 12 28.48 5.48 1.95
C LYS A 12 28.03 6.67 2.79
N ARG A 13 26.73 6.96 2.80
CA ARG A 13 26.23 8.02 3.67
C ARG A 13 26.12 7.58 5.13
N HIS A 14 26.14 6.28 5.39
CA HIS A 14 26.12 5.73 6.74
C HIS A 14 27.20 4.67 6.90
N LYS A 15 28.40 4.94 6.36
CA LYS A 15 29.45 3.92 6.35
C LYS A 15 29.91 3.58 7.76
N TRP A 16 30.00 4.57 8.65
CA TRP A 16 30.44 4.30 10.01
C TRP A 16 29.39 3.53 10.79
N MET A 17 28.12 3.96 10.71
CA MET A 17 27.07 3.30 11.47
C MET A 17 26.83 1.88 10.97
N LEU A 18 26.93 1.66 9.66
CA LEU A 18 26.70 0.33 9.11
C LEU A 18 27.90 -0.59 9.33
N SER A 19 29.12 -0.05 9.34
CA SER A 19 30.29 -0.87 9.63
C SER A 19 30.42 -1.15 11.13
N LEU A 20 29.92 -0.25 11.98
CA LEU A 20 29.87 -0.53 13.40
C LEU A 20 28.96 -1.71 13.69
N GLY A 21 27.84 -1.80 12.99
CA GLY A 21 26.95 -2.94 13.15
C GLY A 21 27.60 -4.25 12.73
N ILE A 22 28.53 -4.19 11.77
CA ILE A 22 29.27 -5.38 11.40
C ILE A 22 30.22 -5.80 12.51
N VAL A 23 30.92 -4.83 13.10
CA VAL A 23 31.86 -5.13 14.17
C VAL A 23 31.13 -5.71 15.38
N LEU A 24 30.01 -5.09 15.76
CA LEU A 24 29.24 -5.58 16.89
C LEU A 24 28.62 -6.94 16.59
N ALA A 25 28.36 -7.24 15.32
CA ALA A 25 27.85 -8.55 14.94
C ALA A 25 28.91 -9.64 15.01
N ILE A 26 30.18 -9.26 15.06
CA ILE A 26 31.27 -10.22 15.24
C ILE A 26 31.59 -10.40 16.72
N VAL A 27 31.60 -9.31 17.48
CA VAL A 27 31.81 -9.39 18.91
C VAL A 27 30.70 -10.18 19.57
N THR A 28 29.45 -9.94 19.16
CA THR A 28 28.32 -10.70 19.70
C THR A 28 28.46 -12.18 19.39
N LEU A 29 28.81 -12.52 18.15
CA LEU A 29 28.98 -13.92 17.80
C LEU A 29 30.15 -14.53 18.54
N LEU A 30 31.28 -13.82 18.60
CA LEU A 30 32.46 -14.35 19.27
C LEU A 30 32.19 -14.63 20.75
N ALA A 31 31.50 -13.71 21.43
CA ALA A 31 31.12 -13.95 22.81
C ALA A 31 30.09 -15.07 22.92
N SER A 32 29.30 -15.28 21.87
CA SER A 32 28.29 -16.34 21.91
C SER A 32 28.94 -17.72 21.77
N ILE A 33 29.90 -17.86 20.87
CA ILE A 33 30.63 -19.12 20.77
C ILE A 33 31.45 -19.34 22.03
N GLY A 34 32.05 -18.27 22.56
CA GLY A 34 32.93 -18.41 23.71
C GLY A 34 32.19 -18.87 24.96
N LEU A 35 30.98 -18.36 25.18
CA LEU A 35 30.25 -18.67 26.40
C LEU A 35 29.96 -20.17 26.50
N LEU A 36 29.51 -20.78 25.40
CA LEU A 36 29.28 -22.22 25.41
C LEU A 36 30.57 -23.01 25.31
N THR A 37 31.57 -22.48 24.60
CA THR A 37 32.84 -23.21 24.46
C THR A 37 33.64 -23.15 25.75
N LEU A 38 33.69 -21.99 26.40
CA LEU A 38 34.36 -21.89 27.70
C LEU A 38 33.67 -22.77 28.73
N SER A 39 32.33 -22.74 28.77
CA SER A 39 31.61 -23.56 29.73
C SER A 39 31.85 -25.04 29.49
N GLY A 40 31.87 -25.46 28.22
CA GLY A 40 32.12 -26.86 27.93
C GLY A 40 33.50 -27.32 28.38
N TRP A 41 34.52 -26.48 28.15
CA TRP A 41 35.86 -26.84 28.61
C TRP A 41 35.98 -26.70 30.13
N PHE A 42 35.39 -25.63 30.68
CA PHE A 42 35.52 -25.40 32.12
C PHE A 42 34.94 -26.55 32.92
N LEU A 43 33.77 -27.05 32.52
CA LEU A 43 33.17 -28.18 33.23
C LEU A 43 34.04 -29.42 33.11
N SER A 44 34.48 -29.74 31.90
CA SER A 44 35.29 -30.95 31.71
C SER A 44 36.66 -30.82 32.38
N ALA A 45 37.28 -29.65 32.27
CA ALA A 45 38.57 -29.45 32.93
C ALA A 45 38.44 -29.48 34.44
N SER A 46 37.36 -28.91 34.98
CA SER A 46 37.13 -28.95 36.42
C SER A 46 36.93 -30.38 36.91
N ALA A 47 36.16 -31.17 36.17
CA ALA A 47 35.90 -32.55 36.58
C ALA A 47 37.17 -33.39 36.52
N VAL A 48 37.98 -33.20 35.48
CA VAL A 48 39.21 -33.96 35.34
C VAL A 48 40.16 -33.62 36.48
N ALA A 49 40.27 -32.34 36.83
CA ALA A 49 41.12 -31.95 37.96
C ALA A 49 40.62 -32.56 39.26
N GLY A 50 39.31 -32.57 39.46
CA GLY A 50 38.75 -33.19 40.64
C GLY A 50 38.98 -32.37 41.91
N VAL A 51 38.75 -33.03 43.04
CA VAL A 51 38.93 -32.37 44.33
C VAL A 51 40.38 -31.97 44.54
N ALA A 52 41.31 -32.86 44.19
CA ALA A 52 42.73 -32.58 44.36
C ALA A 52 43.21 -31.41 43.51
N GLY A 53 42.45 -31.02 42.50
CA GLY A 53 42.83 -29.89 41.66
C GLY A 53 42.70 -28.55 42.34
N LEU A 54 41.90 -28.46 43.39
CA LEU A 54 41.72 -27.19 44.08
C LEU A 54 43.03 -26.78 44.75
N TYR A 55 43.22 -25.47 44.91
CA TYR A 55 44.45 -24.84 45.38
C TYR A 55 45.54 -24.92 44.31
N SER A 56 45.25 -25.58 43.20
CA SER A 56 46.20 -25.69 42.10
C SER A 56 45.58 -25.43 40.73
N PHE A 57 44.27 -25.31 40.63
CA PHE A 57 43.58 -25.02 39.38
C PHE A 57 42.99 -23.62 39.44
N ASN A 58 43.36 -22.78 38.48
CA ASN A 58 42.90 -21.39 38.46
C ASN A 58 41.47 -21.36 37.94
N TYR A 59 40.52 -21.46 38.86
CA TYR A 59 39.11 -21.46 38.51
C TYR A 59 38.49 -20.07 38.47
N MET A 60 39.21 -19.05 38.94
CA MET A 60 38.63 -17.71 38.95
C MET A 60 38.65 -17.08 37.57
N LEU A 61 39.67 -17.37 36.76
CA LEU A 61 39.73 -16.81 35.41
C LEU A 61 38.57 -17.27 34.53
N PRO A 62 38.25 -18.57 34.42
CA PRO A 62 37.05 -18.94 33.66
C PRO A 62 35.77 -18.38 34.25
N ALA A 63 35.70 -18.24 35.57
CA ALA A 63 34.49 -17.73 36.21
C ALA A 63 34.21 -16.29 35.77
N ALA A 64 35.26 -15.48 35.61
CA ALA A 64 35.09 -14.15 35.07
C ALA A 64 34.88 -14.18 33.55
N GLY A 65 35.36 -15.22 32.88
CA GLY A 65 35.16 -15.32 31.44
C GLY A 65 33.72 -15.53 31.05
N VAL A 66 33.02 -16.41 31.78
CA VAL A 66 31.61 -16.66 31.46
C VAL A 66 30.75 -15.46 31.82
N ARG A 67 31.06 -14.80 32.94
CA ARG A 67 30.34 -13.58 33.30
C ARG A 67 30.59 -12.47 32.28
N GLY A 68 31.84 -12.32 31.84
CA GLY A 68 32.14 -11.30 30.85
C GLY A 68 31.53 -11.61 29.50
N ALA A 69 31.55 -12.87 29.08
CA ALA A 69 30.98 -13.24 27.79
C ALA A 69 29.47 -13.11 27.79
N ALA A 70 28.83 -13.42 28.93
CA ALA A 70 27.37 -13.33 29.00
C ALA A 70 26.90 -11.89 28.84
N ILE A 71 27.58 -10.94 29.48
CA ILE A 71 27.22 -9.54 29.34
C ILE A 71 27.56 -9.03 27.95
N THR A 72 28.71 -9.42 27.41
CA THR A 72 29.10 -8.98 26.08
C THR A 72 28.14 -9.52 25.02
N ARG A 73 27.71 -10.77 25.16
CA ARG A 73 26.80 -11.36 24.19
C ARG A 73 25.48 -10.60 24.12
N THR A 74 24.91 -10.27 25.29
CA THR A 74 23.60 -9.63 25.32
C THR A 74 23.68 -8.16 24.97
N ALA A 75 24.75 -7.47 25.37
CA ALA A 75 24.85 -6.04 25.11
C ALA A 75 25.25 -5.75 23.68
N GLY A 76 26.13 -6.57 23.10
CA GLY A 76 26.56 -6.35 21.73
C GLY A 76 25.44 -6.54 20.74
N ARG A 77 24.64 -7.60 20.92
CA ARG A 77 23.53 -7.85 20.00
C ARG A 77 22.49 -6.74 20.06
N TYR A 78 22.22 -6.24 21.26
CA TYR A 78 21.28 -5.12 21.40
C TYR A 78 21.80 -3.88 20.69
N PHE A 79 23.08 -3.57 20.86
CA PHE A 79 23.63 -2.36 20.24
C PHE A 79 23.85 -2.53 18.75
N GLU A 80 24.09 -3.75 18.29
CA GLU A 80 24.18 -3.98 16.85
C GLU A 80 22.86 -3.70 16.18
N ARG A 81 21.75 -4.16 16.77
CA ARG A 81 20.43 -3.92 16.19
C ARG A 81 20.09 -2.43 16.22
N LEU A 82 20.39 -1.75 17.33
CA LEU A 82 20.06 -0.33 17.42
C LEU A 82 20.82 0.48 16.38
N VAL A 83 22.07 0.12 16.12
CA VAL A 83 22.89 0.93 15.22
C VAL A 83 22.68 0.51 13.77
N SER A 84 22.30 -0.75 13.52
CA SER A 84 22.12 -1.20 12.14
C SER A 84 20.72 -0.88 11.63
N HIS A 85 19.71 -0.94 12.51
CA HIS A 85 18.37 -0.59 12.10
C HIS A 85 18.17 0.91 11.99
N ASP A 86 18.88 1.68 12.81
CA ASP A 86 18.80 3.14 12.69
C ASP A 86 19.33 3.61 11.35
N ALA A 87 20.45 3.04 10.89
CA ALA A 87 21.03 3.46 9.62
C ALA A 87 20.25 2.92 8.43
N THR A 88 19.70 1.71 8.54
CA THR A 88 18.97 1.12 7.43
C THR A 88 17.73 1.91 7.07
N PHE A 89 16.99 2.38 8.07
CA PHE A 89 15.75 3.09 7.82
C PHE A 89 15.95 4.57 7.56
N ARG A 90 17.16 5.11 7.75
CA ARG A 90 17.48 6.41 7.20
C ARG A 90 17.81 6.32 5.72
N VAL A 91 18.39 5.20 5.29
CA VAL A 91 18.64 4.99 3.87
C VAL A 91 17.34 4.75 3.12
N LEU A 92 16.43 3.98 3.72
CA LEU A 92 15.15 3.70 3.09
C LEU A 92 14.27 4.94 3.02
N GLN A 93 14.41 5.84 3.99
CA GLN A 93 13.63 7.09 3.95
C GLN A 93 14.17 8.03 2.88
N HIS A 94 15.50 8.11 2.75
CA HIS A 94 16.08 8.93 1.69
C HIS A 94 15.77 8.35 0.32
N LEU A 95 15.78 7.03 0.18
CA LEU A 95 15.49 6.40 -1.09
C LEU A 95 14.02 6.53 -1.47
N ARG A 96 13.13 6.60 -0.47
CA ARG A 96 11.72 6.78 -0.76
C ARG A 96 11.44 8.20 -1.23
N ILE A 97 12.08 9.19 -0.62
CA ILE A 97 11.94 10.57 -1.07
C ILE A 97 12.58 10.76 -2.42
N TYR A 98 13.72 10.10 -2.65
CA TYR A 98 14.38 10.18 -3.96
C TYR A 98 13.50 9.59 -5.05
N THR A 99 12.85 8.46 -4.77
CA THR A 99 12.00 7.83 -5.77
C THR A 99 10.78 8.68 -6.07
N PHE A 100 10.22 9.36 -5.06
CA PHE A 100 9.08 10.23 -5.29
C PHE A 100 9.47 11.47 -6.08
N SER A 101 10.71 11.93 -5.96
CA SER A 101 11.14 13.12 -6.67
C SER A 101 11.22 12.90 -8.18
N LYS A 102 11.20 11.66 -8.63
CA LYS A 102 11.26 11.33 -10.05
C LYS A 102 9.88 11.29 -10.70
N LEU A 103 8.82 11.58 -9.96
CA LEU A 103 7.48 11.38 -10.50
C LEU A 103 6.96 12.62 -11.22
N LEU A 104 7.13 13.79 -10.62
CA LEU A 104 6.63 15.01 -11.26
C LEU A 104 7.28 15.31 -12.59
N PRO A 105 8.59 15.17 -12.78
CA PRO A 105 9.17 15.40 -14.12
C PRO A 105 8.60 14.47 -15.18
N LEU A 106 8.03 13.33 -14.80
CA LEU A 106 7.44 12.39 -15.73
C LEU A 106 5.92 12.49 -15.77
N SER A 107 5.34 13.56 -15.21
CA SER A 107 3.92 13.54 -14.86
C SER A 107 2.99 13.33 -16.05
N PRO A 108 3.07 14.10 -17.15
CA PRO A 108 2.07 13.92 -18.21
C PRO A 108 2.18 12.60 -18.95
N ALA A 109 3.38 12.27 -19.46
CA ALA A 109 3.54 11.14 -20.34
C ALA A 109 4.38 10.01 -19.77
N GLY A 110 5.36 10.29 -18.91
CA GLY A 110 6.15 9.23 -18.33
C GLY A 110 5.35 8.34 -17.40
N LEU A 111 4.44 8.95 -16.64
CA LEU A 111 3.61 8.18 -15.72
C LEU A 111 2.50 7.42 -16.43
N ALA A 112 2.18 7.78 -17.68
CA ALA A 112 1.19 7.04 -18.43
C ALA A 112 1.70 5.67 -18.87
N ARG A 113 3.02 5.51 -19.00
CA ARG A 113 3.57 4.19 -19.29
C ARG A 113 3.43 3.24 -18.10
N TYR A 114 3.27 3.79 -16.90
CA TYR A 114 3.13 2.99 -15.70
C TYR A 114 1.66 2.90 -15.29
N ARG A 115 1.44 2.04 -14.29
CA ARG A 115 0.10 1.77 -13.70
C ARG A 115 0.11 2.46 -12.34
N GLN A 116 -1.00 3.11 -11.96
CA GLN A 116 -0.97 3.89 -10.73
C GLN A 116 -0.93 3.04 -9.47
N GLY A 117 -1.43 1.80 -9.52
CA GLY A 117 -1.37 0.95 -8.35
C GLY A 117 -0.02 0.30 -8.13
N GLU A 118 0.73 0.04 -9.21
CA GLU A 118 2.05 -0.55 -9.04
C GLU A 118 3.11 0.51 -8.80
N LEU A 119 2.85 1.76 -9.20
CA LEU A 119 3.75 2.85 -8.83
C LEU A 119 3.72 3.09 -7.33
N LEU A 120 2.54 2.96 -6.72
CA LEU A 120 2.45 3.05 -5.27
C LEU A 120 3.21 1.90 -4.61
N ASN A 121 3.11 0.70 -5.17
CA ASN A 121 3.81 -0.45 -4.61
C ASN A 121 5.32 -0.26 -4.68
N ARG A 122 5.81 0.42 -5.71
CA ARG A 122 7.26 0.60 -5.87
C ARG A 122 7.84 1.52 -4.82
N VAL A 123 7.08 2.54 -4.41
CA VAL A 123 7.64 3.58 -3.55
C VAL A 123 7.48 3.26 -2.07
N VAL A 124 6.38 2.61 -1.67
CA VAL A 124 6.14 2.34 -0.26
C VAL A 124 6.40 0.87 0.09
N ALA A 125 6.25 -0.03 -0.88
CA ALA A 125 6.38 -1.46 -0.57
C ALA A 125 7.68 -2.05 -1.08
N ASP A 126 8.12 -1.66 -2.28
CA ASP A 126 9.38 -2.17 -2.81
C ASP A 126 10.57 -1.50 -2.15
N VAL A 127 10.42 -0.26 -1.68
CA VAL A 127 11.50 0.40 -0.95
C VAL A 127 11.69 -0.26 0.40
N ASP A 128 10.60 -0.61 1.08
CA ASP A 128 10.73 -1.32 2.34
C ASP A 128 11.32 -2.71 2.16
N THR A 129 11.09 -3.33 1.00
CA THR A 129 11.66 -4.65 0.75
C THR A 129 13.18 -4.62 0.77
N LEU A 130 13.77 -3.47 0.45
CA LEU A 130 15.22 -3.34 0.40
C LEU A 130 15.86 -3.32 1.77
N ASP A 131 15.10 -3.36 2.87
CA ASP A 131 15.71 -3.46 4.18
C ASP A 131 16.41 -4.79 4.40
N HIS A 132 16.04 -5.81 3.63
CA HIS A 132 16.78 -7.06 3.65
C HIS A 132 18.21 -6.87 3.18
N LEU A 133 18.41 -6.03 2.17
CA LEU A 133 19.75 -5.79 1.63
C LEU A 133 20.65 -5.11 2.64
N TYR A 134 20.11 -4.25 3.49
CA TYR A 134 20.92 -3.47 4.42
C TYR A 134 20.96 -4.03 5.83
N LEU A 135 20.10 -4.98 6.17
CA LEU A 135 20.03 -5.51 7.52
C LEU A 135 20.56 -6.92 7.66
N ARG A 136 20.25 -7.80 6.70
CA ARG A 136 20.59 -9.21 6.89
C ARG A 136 21.19 -9.82 5.63
N VAL A 137 22.05 -9.08 4.93
CA VAL A 137 22.80 -9.64 3.81
C VAL A 137 24.28 -9.46 4.05
N ILE A 138 24.71 -8.25 4.38
CA ILE A 138 26.13 -7.95 4.52
C ILE A 138 26.61 -8.38 5.89
N SER A 139 25.94 -7.93 6.94
CA SER A 139 26.37 -8.24 8.29
C SER A 139 26.38 -9.73 8.59
N PRO A 140 25.33 -10.51 8.26
CA PRO A 140 25.44 -11.97 8.48
C PRO A 140 26.54 -12.64 7.68
N LEU A 141 26.75 -12.22 6.42
CA LEU A 141 27.72 -12.92 5.57
C LEU A 141 29.15 -12.62 5.99
N VAL A 142 29.47 -11.34 6.23
CA VAL A 142 30.82 -11.02 6.67
C VAL A 142 30.99 -11.25 8.16
N GLY A 143 29.91 -11.24 8.93
CA GLY A 143 29.98 -11.63 10.32
C GLY A 143 30.27 -13.10 10.49
N ALA A 144 29.73 -13.94 9.62
CA ALA A 144 29.95 -15.38 9.71
C ALA A 144 31.26 -15.82 9.09
N PHE A 145 31.94 -14.96 8.33
CA PHE A 145 33.22 -15.34 7.76
C PHE A 145 34.37 -15.01 8.69
N VAL A 146 34.29 -13.89 9.39
CA VAL A 146 35.34 -13.53 10.35
C VAL A 146 35.29 -14.46 11.56
N VAL A 147 34.09 -14.82 12.01
CA VAL A 147 33.96 -15.69 13.18
C VAL A 147 34.55 -17.06 12.90
N ILE A 148 34.27 -17.63 11.74
CA ILE A 148 34.78 -18.96 11.43
C ILE A 148 36.31 -18.93 11.38
N MET A 149 36.87 -17.90 10.75
CA MET A 149 38.33 -17.78 10.69
C MET A 149 38.92 -17.63 12.07
N VAL A 150 38.28 -16.85 12.94
CA VAL A 150 38.74 -16.72 14.31
C VAL A 150 38.64 -18.06 15.04
N VAL A 151 37.53 -18.77 14.87
CA VAL A 151 37.39 -20.09 15.48
C VAL A 151 38.39 -21.07 14.91
N THR A 152 38.52 -21.10 13.57
CA THR A 152 39.44 -22.04 12.94
C THR A 152 40.89 -21.75 13.33
N ILE A 153 41.28 -20.48 13.32
CA ILE A 153 42.64 -20.12 13.71
C ILE A 153 42.87 -20.43 15.18
N GLY A 154 41.90 -20.09 16.03
CA GLY A 154 42.05 -20.37 17.44
C GLY A 154 42.12 -21.86 17.73
N LEU A 155 41.25 -22.64 17.11
CA LEU A 155 41.28 -24.09 17.26
C LEU A 155 42.47 -24.72 16.54
N SER A 156 43.16 -23.97 15.68
CA SER A 156 44.30 -24.54 14.97
C SER A 156 45.50 -24.74 15.89
N PHE A 157 45.60 -23.95 16.96
CA PHE A 157 46.73 -24.11 17.88
C PHE A 157 46.66 -25.44 18.61
N LEU A 158 45.47 -25.85 19.04
CA LEU A 158 45.33 -27.14 19.72
C LEU A 158 45.53 -28.30 18.76
N ASP A 159 44.88 -28.25 17.60
CA ASP A 159 44.99 -29.31 16.61
C ASP A 159 44.74 -28.72 15.23
N PHE A 160 45.28 -29.40 14.22
CA PHE A 160 45.14 -28.97 12.83
C PHE A 160 44.03 -29.72 12.10
N THR A 161 44.02 -31.04 12.20
CA THR A 161 42.98 -31.83 11.52
C THR A 161 41.60 -31.49 12.06
N LEU A 162 41.47 -31.29 13.37
CA LEU A 162 40.17 -30.97 13.95
C LEU A 162 39.72 -29.57 13.55
N ALA A 163 40.62 -28.60 13.61
CA ALA A 163 40.25 -27.22 13.27
C ALA A 163 39.84 -27.09 11.81
N PHE A 164 40.59 -27.74 10.91
CA PHE A 164 40.26 -27.64 9.50
C PHE A 164 39.04 -28.47 9.13
N THR A 165 38.75 -29.52 9.90
CA THR A 165 37.52 -30.28 9.66
C THR A 165 36.30 -29.46 10.07
N LEU A 166 36.33 -28.86 11.25
CA LEU A 166 35.24 -28.00 11.68
C LEU A 166 35.16 -26.74 10.83
N GLY A 167 36.28 -26.07 10.62
CA GLY A 167 36.30 -24.89 9.78
C GLY A 167 35.98 -25.20 8.33
N GLY A 168 36.40 -26.36 7.84
CA GLY A 168 36.07 -26.73 6.47
C GLY A 168 34.59 -26.93 6.26
N ILE A 169 33.92 -27.61 7.19
CA ILE A 169 32.47 -27.75 7.12
C ILE A 169 31.80 -26.39 7.21
N MET A 170 32.37 -25.48 7.99
CA MET A 170 31.74 -24.20 8.25
C MET A 170 31.87 -23.26 7.06
N LEU A 171 32.96 -23.33 6.31
CA LEU A 171 33.08 -22.64 5.03
C LEU A 171 32.41 -23.35 3.88
N LEU A 172 32.45 -24.68 3.84
CA LEU A 172 31.76 -25.41 2.78
C LEU A 172 30.24 -25.22 2.87
N THR A 173 29.75 -24.77 4.02
CA THR A 173 28.34 -24.42 4.18
C THR A 173 28.09 -22.94 3.95
N LEU A 174 29.07 -22.08 4.24
CA LEU A 174 28.91 -20.65 4.00
C LEU A 174 29.05 -20.30 2.53
N PHE A 175 29.80 -21.08 1.76
CA PHE A 175 30.06 -20.77 0.36
C PHE A 175 29.20 -21.56 -0.61
N LEU A 176 28.68 -22.71 -0.23
CA LEU A 176 27.92 -23.54 -1.15
C LEU A 176 26.42 -23.49 -0.91
N MET A 177 25.98 -23.34 0.33
CA MET A 177 24.55 -23.41 0.63
C MET A 177 23.80 -22.12 0.30
N PRO A 178 24.33 -20.93 0.62
CA PRO A 178 23.61 -19.69 0.26
C PRO A 178 23.37 -19.56 -1.23
N PRO A 179 24.39 -19.74 -2.09
CA PRO A 179 24.09 -19.66 -3.54
C PRO A 179 23.12 -20.71 -4.03
N LEU A 180 23.10 -21.89 -3.40
CA LEU A 180 22.13 -22.90 -3.76
C LEU A 180 20.71 -22.44 -3.45
N PHE A 181 20.53 -21.75 -2.33
CA PHE A 181 19.20 -21.30 -1.94
C PHE A 181 18.81 -20.00 -2.63
N TYR A 182 19.79 -19.21 -3.07
CA TYR A 182 19.47 -18.07 -3.92
C TYR A 182 18.92 -18.52 -5.26
N ARG A 183 19.56 -19.53 -5.86
CA ARG A 183 19.08 -20.06 -7.13
C ARG A 183 17.74 -20.75 -6.99
N ALA A 184 17.53 -21.48 -5.89
CA ALA A 184 16.27 -22.19 -5.69
C ALA A 184 15.11 -21.22 -5.52
N GLY A 185 15.31 -20.13 -4.77
CA GLY A 185 14.28 -19.16 -4.51
C GLY A 185 14.29 -17.93 -5.40
N LYS A 186 15.06 -17.97 -6.48
CA LYS A 186 15.15 -16.81 -7.41
C LYS A 186 13.82 -16.63 -8.15
N SER A 187 13.29 -17.70 -8.72
CA SER A 187 12.04 -17.64 -9.48
C SER A 187 10.87 -17.27 -8.59
N THR A 188 10.83 -17.85 -7.38
CA THR A 188 9.74 -17.53 -6.45
C THR A 188 9.81 -16.07 -6.01
N GLY A 189 11.01 -15.55 -5.79
CA GLY A 189 11.13 -14.16 -5.37
C GLY A 189 10.65 -13.18 -6.41
N GLN A 190 10.94 -13.49 -7.68
CA GLN A 190 10.49 -12.62 -8.80
C GLN A 190 8.96 -12.59 -8.78
N ASN A 191 8.32 -13.77 -8.73
CA ASN A 191 6.86 -13.83 -8.68
C ASN A 191 6.33 -13.11 -7.46
N LEU A 192 6.99 -13.27 -6.32
CA LEU A 192 6.49 -12.71 -5.07
C LEU A 192 6.50 -11.18 -5.10
N THR A 193 7.49 -10.60 -5.76
CA THR A 193 7.51 -9.14 -5.94
C THR A 193 6.52 -8.70 -7.00
N HIS A 194 6.41 -9.47 -8.09
CA HIS A 194 5.51 -9.09 -9.18
C HIS A 194 4.05 -9.24 -8.78
N LEU A 195 3.72 -10.31 -8.05
CA LEU A 195 2.32 -10.57 -7.71
C LEU A 195 1.81 -9.63 -6.63
N ARG A 196 2.69 -9.10 -5.78
CA ARG A 196 2.25 -8.14 -4.78
C ARG A 196 1.84 -6.82 -5.42
N GLY A 197 2.59 -6.39 -6.44
CA GLY A 197 2.24 -5.17 -7.14
C GLY A 197 1.05 -5.35 -8.06
N GLN A 198 0.84 -6.58 -8.52
CA GLN A 198 -0.32 -6.89 -9.39
C GLN A 198 -1.58 -6.88 -8.52
N TYR A 199 -1.48 -7.39 -7.29
CA TYR A 199 -2.63 -7.41 -6.39
C TYR A 199 -2.95 -6.01 -5.89
N ARG A 200 -1.94 -5.22 -5.56
CA ARG A 200 -2.20 -3.86 -5.08
C ARG A 200 -2.77 -2.98 -6.19
N GLN A 201 -2.37 -3.21 -7.44
CA GLN A 201 -2.97 -2.47 -8.54
C GLN A 201 -4.41 -2.89 -8.77
N GLN A 202 -4.67 -4.20 -8.82
CA GLN A 202 -6.04 -4.66 -9.05
C GLN A 202 -6.96 -4.29 -7.90
N LEU A 203 -6.43 -4.20 -6.68
CA LEU A 203 -7.26 -3.83 -5.54
C LEU A 203 -7.62 -2.35 -5.58
N THR A 204 -6.64 -1.49 -5.86
CA THR A 204 -6.92 -0.05 -5.92
C THR A 204 -7.80 0.28 -7.11
N ALA A 205 -7.59 -0.38 -8.25
CA ALA A 205 -8.46 -0.17 -9.40
C ALA A 205 -9.88 -0.66 -9.11
N TRP A 206 -10.00 -1.75 -8.35
CA TRP A 206 -11.30 -2.27 -7.96
C TRP A 206 -11.97 -1.37 -6.93
N LEU A 207 -11.20 -0.75 -6.05
CA LEU A 207 -11.76 0.16 -5.06
C LEU A 207 -12.16 1.49 -5.68
N GLN A 208 -11.37 1.98 -6.64
CA GLN A 208 -11.62 3.30 -7.27
C GLN A 208 -12.81 3.25 -8.24
N GLY A 209 -13.09 2.08 -8.81
CA GLY A 209 -14.19 1.95 -9.75
C GLY A 209 -15.40 1.26 -9.17
N GLN A 210 -15.59 1.36 -7.86
CA GLN A 210 -16.64 0.58 -7.21
C GLN A 210 -18.03 1.09 -7.57
N ALA A 211 -18.16 2.37 -7.92
CA ALA A 211 -19.46 2.88 -8.35
C ALA A 211 -19.89 2.27 -9.67
N GLU A 212 -18.98 2.23 -10.64
CA GLU A 212 -19.30 1.68 -11.96
C GLU A 212 -19.37 0.17 -11.94
N LEU A 213 -18.51 -0.48 -11.16
CA LEU A 213 -18.48 -1.94 -11.14
C LEU A 213 -19.68 -2.51 -10.41
N THR A 214 -20.16 -1.84 -9.36
CA THR A 214 -21.21 -2.42 -8.52
C THR A 214 -22.54 -2.48 -9.26
N ILE A 215 -22.93 -1.37 -9.89
CA ILE A 215 -24.25 -1.33 -10.51
C ILE A 215 -24.30 -2.20 -11.77
N PHE A 216 -23.24 -2.17 -12.57
CA PHE A 216 -23.20 -3.00 -13.76
C PHE A 216 -22.81 -4.44 -13.48
N GLY A 217 -22.86 -4.85 -12.21
CA GLY A 217 -22.63 -6.24 -11.86
C GLY A 217 -21.26 -6.75 -12.19
N ALA A 218 -20.25 -5.88 -12.15
CA ALA A 218 -18.89 -6.27 -12.51
C ALA A 218 -17.96 -6.35 -11.31
N SER A 219 -18.42 -6.03 -10.10
CA SER A 219 -17.57 -6.18 -8.93
C SER A 219 -17.30 -7.65 -8.62
N ASP A 220 -18.28 -8.52 -8.88
CA ASP A 220 -18.11 -9.94 -8.57
C ASP A 220 -17.01 -10.57 -9.42
N ARG A 221 -16.97 -10.26 -10.71
CA ARG A 221 -15.99 -10.89 -11.60
C ARG A 221 -14.66 -10.14 -11.64
N TYR A 222 -14.59 -8.94 -11.07
CA TYR A 222 -13.31 -8.27 -10.88
C TYR A 222 -12.69 -8.61 -9.54
N ARG A 223 -13.50 -9.03 -8.56
CA ARG A 223 -12.97 -9.58 -7.32
C ARG A 223 -12.49 -11.01 -7.51
N THR A 224 -13.16 -11.78 -8.37
CA THR A 224 -12.67 -13.11 -8.71
C THR A 224 -11.32 -13.03 -9.39
N GLN A 225 -11.15 -12.08 -10.30
CA GLN A 225 -9.83 -11.82 -10.88
C GLN A 225 -8.87 -11.33 -9.80
N LEU A 226 -9.40 -10.62 -8.81
CA LEU A 226 -8.55 -10.07 -7.71
C LEU A 226 -8.16 -11.20 -6.76
N GLU A 227 -9.13 -12.06 -6.42
CA GLU A 227 -8.93 -13.21 -5.50
C GLU A 227 -7.92 -14.19 -6.11
N ASN A 228 -7.96 -14.37 -7.43
CA ASN A 228 -7.05 -15.32 -8.13
C ASN A 228 -5.60 -14.84 -7.96
N THR A 229 -5.37 -13.53 -8.08
CA THR A 229 -4.00 -12.98 -7.89
C THR A 229 -3.52 -13.37 -6.49
N GLU A 230 -4.39 -13.28 -5.49
CA GLU A 230 -4.03 -13.63 -4.12
C GLU A 230 -3.72 -15.12 -4.00
N ILE A 231 -4.43 -15.97 -4.75
CA ILE A 231 -4.12 -17.39 -4.75
C ILE A 231 -2.72 -17.63 -5.28
N GLN A 232 -2.38 -16.99 -6.39
CA GLN A 232 -1.03 -17.10 -6.94
C GLN A 232 -0.01 -16.47 -6.02
N TRP A 233 -0.35 -15.32 -5.42
CA TRP A 233 0.55 -14.66 -4.49
C TRP A 233 0.78 -15.50 -3.25
N LEU A 234 -0.29 -16.09 -2.70
CA LEU A 234 -0.15 -16.94 -1.53
C LEU A 234 0.58 -18.23 -1.87
N GLU A 235 0.52 -18.68 -3.12
CA GLU A 235 1.26 -19.86 -3.52
C GLU A 235 2.76 -19.58 -3.57
N ALA A 236 3.14 -18.43 -4.13
CA ALA A 236 4.55 -18.05 -4.11
C ALA A 236 5.03 -17.77 -2.69
N GLN A 237 4.15 -17.21 -1.86
CA GLN A 237 4.49 -17.01 -0.46
C GLN A 237 4.71 -18.35 0.24
N ARG A 238 3.92 -19.37 -0.14
CA ARG A 238 4.08 -20.69 0.46
C ARG A 238 5.40 -21.33 0.04
N ARG A 239 5.81 -21.14 -1.21
CA ARG A 239 7.05 -21.74 -1.69
C ARG A 239 8.26 -21.18 -0.96
N GLN A 240 8.23 -19.88 -0.64
CA GLN A 240 9.31 -19.29 0.14
C GLN A 240 9.33 -19.85 1.56
N SER A 241 8.19 -20.30 2.06
CA SER A 241 8.16 -20.92 3.39
C SER A 241 8.72 -22.34 3.34
N GLU A 242 8.46 -23.07 2.27
CA GLU A 242 9.02 -24.41 2.13
C GLU A 242 10.54 -24.38 2.01
N LEU A 243 11.08 -23.32 1.42
CA LEU A 243 12.53 -23.20 1.33
C LEU A 243 13.14 -22.79 2.66
N THR A 244 12.44 -21.91 3.40
CA THR A 244 12.90 -21.57 4.75
C THR A 244 12.87 -22.79 5.65
N ALA A 245 11.83 -23.61 5.55
CA ALA A 245 11.77 -24.85 6.32
C ALA A 245 12.90 -25.79 5.94
N LEU A 246 13.17 -25.92 4.63
CA LEU A 246 14.26 -26.77 4.20
C LEU A 246 15.62 -26.17 4.56
N SER A 247 15.71 -24.85 4.64
CA SER A 247 16.95 -24.22 5.07
C SER A 247 17.27 -24.55 6.51
N GLN A 248 16.26 -24.54 7.39
CA GLN A 248 16.49 -24.85 8.79
C GLN A 248 16.75 -26.34 9.00
N ALA A 249 16.05 -27.19 8.25
CA ALA A 249 16.28 -28.63 8.38
C ALA A 249 17.69 -29.00 7.93
N ILE A 250 18.16 -28.43 6.82
CA ILE A 250 19.50 -28.72 6.34
C ILE A 250 20.54 -28.14 7.27
N MET A 251 20.35 -26.90 7.71
CA MET A 251 21.31 -26.27 8.62
C MET A 251 21.39 -27.01 9.95
N LEU A 252 20.30 -27.65 10.37
CA LEU A 252 20.35 -28.42 11.60
C LEU A 252 21.06 -29.75 11.40
N LEU A 253 21.02 -30.29 10.19
CA LEU A 253 21.74 -31.52 9.90
C LEU A 253 23.24 -31.29 9.74
N ILE A 254 23.63 -30.13 9.19
CA ILE A 254 25.06 -29.83 9.08
C ILE A 254 25.67 -29.63 10.47
N GLY A 255 24.96 -28.92 11.34
CA GLY A 255 25.42 -28.80 12.73
C GLY A 255 25.47 -30.14 13.43
N ALA A 256 24.59 -31.06 13.05
CA ALA A 256 24.67 -32.43 13.56
C ALA A 256 25.96 -33.11 13.09
N LEU A 257 26.33 -32.88 11.83
CA LEU A 257 27.54 -33.50 11.30
C LEU A 257 28.79 -33.00 12.01
N ALA A 258 28.82 -31.71 12.33
CA ALA A 258 29.99 -31.17 13.04
C ALA A 258 30.09 -31.73 14.45
N VAL A 259 28.97 -31.87 15.15
CA VAL A 259 29.00 -32.41 16.50
C VAL A 259 29.42 -33.87 16.48
N ILE A 260 28.88 -34.64 15.54
CA ILE A 260 29.23 -36.06 15.44
C ILE A 260 30.71 -36.22 15.09
N LEU A 261 31.20 -35.42 14.14
CA LEU A 261 32.59 -35.56 13.72
C LEU A 261 33.56 -35.20 14.84
N MET A 262 33.27 -34.11 15.57
CA MET A 262 34.15 -33.73 16.67
C MET A 262 34.16 -34.78 17.77
N LEU A 263 33.00 -35.36 18.09
CA LEU A 263 32.97 -36.44 19.07
C LEU A 263 33.78 -37.64 18.59
N TRP A 264 33.63 -38.00 17.32
CA TRP A 264 34.28 -39.21 16.81
C TRP A 264 35.77 -39.00 16.56
N MET A 265 36.19 -37.78 16.24
CA MET A 265 37.58 -37.54 15.87
C MET A 265 38.42 -36.96 16.99
N ALA A 266 37.84 -36.11 17.86
CA ALA A 266 38.61 -35.59 18.98
C ALA A 266 38.92 -36.67 20.00
N SER A 267 38.05 -37.69 20.11
CA SER A 267 38.30 -38.76 21.07
C SER A 267 39.53 -39.57 20.68
N GLY A 268 39.80 -39.69 19.37
CA GLY A 268 41.00 -40.38 18.93
C GLY A 268 42.27 -39.69 19.39
N GLY A 269 42.29 -38.36 19.31
CA GLY A 269 43.42 -37.59 19.79
C GLY A 269 43.34 -36.13 19.43
N VAL A 270 43.67 -35.25 20.38
CA VAL A 270 43.67 -33.81 20.17
C VAL A 270 45.08 -33.31 20.41
N GLY A 271 45.74 -32.85 19.34
CA GLY A 271 47.10 -32.36 19.45
C GLY A 271 48.17 -33.42 19.50
N GLY A 272 47.81 -34.68 19.25
CA GLY A 272 48.80 -35.74 19.23
C GLY A 272 48.91 -36.59 20.48
N ASN A 273 47.96 -36.48 21.41
CA ASN A 273 47.95 -37.30 22.61
C ASN A 273 46.72 -38.21 22.63
N ALA A 274 46.89 -39.37 23.24
CA ALA A 274 45.83 -40.39 23.21
C ALA A 274 44.64 -39.99 24.06
N GLN A 275 44.91 -39.37 25.22
CA GLN A 275 43.84 -38.93 26.15
C GLN A 275 43.71 -37.40 26.08
N PRO A 276 42.80 -36.84 25.26
CA PRO A 276 42.63 -35.40 25.15
C PRO A 276 42.01 -34.81 26.43
N GLY A 277 41.23 -35.61 27.15
CA GLY A 277 40.59 -35.13 28.36
C GLY A 277 39.61 -34.00 28.12
N ALA A 278 39.85 -32.87 28.76
CA ALA A 278 38.94 -31.73 28.63
C ALA A 278 38.89 -31.16 27.23
N LEU A 279 39.92 -31.39 26.41
CA LEU A 279 39.95 -30.82 25.07
C LEU A 279 38.89 -31.42 24.16
N ILE A 280 38.38 -32.62 24.49
CA ILE A 280 37.30 -33.20 23.69
C ILE A 280 36.06 -32.31 23.76
N ALA A 281 35.73 -31.83 24.96
CA ALA A 281 34.59 -30.92 25.10
C ALA A 281 34.90 -29.53 24.58
N LEU A 282 36.18 -29.19 24.41
CA LEU A 282 36.53 -27.89 23.87
C LEU A 282 36.18 -27.78 22.40
N PHE A 283 36.17 -28.91 21.68
CA PHE A 283 35.81 -28.93 20.26
C PHE A 283 34.35 -29.28 20.03
N VAL A 284 33.81 -30.22 20.82
CA VAL A 284 32.42 -30.61 20.65
C VAL A 284 31.49 -29.44 20.97
N PHE A 285 31.76 -28.73 22.06
CA PHE A 285 30.92 -27.60 22.43
C PHE A 285 31.13 -26.40 21.53
N CYS A 286 32.29 -26.29 20.88
CA CYS A 286 32.47 -25.24 19.89
C CYS A 286 31.62 -25.53 18.65
N ALA A 287 31.69 -26.76 18.14
CA ALA A 287 30.86 -27.14 17.00
C ALA A 287 29.38 -27.09 17.35
N LEU A 288 29.04 -27.33 18.61
CA LEU A 288 27.65 -27.23 19.05
C LEU A 288 27.16 -25.79 19.09
N ALA A 289 28.07 -24.83 19.26
CA ALA A 289 27.70 -23.42 19.35
C ALA A 289 28.12 -22.59 18.16
N ALA A 290 29.07 -23.07 17.35
CA ALA A 290 29.57 -22.25 16.24
C ALA A 290 28.56 -22.11 15.11
N PHE A 291 27.55 -22.96 15.06
CA PHE A 291 26.63 -22.96 13.94
C PHE A 291 25.47 -21.98 14.11
N GLU A 292 25.44 -21.22 15.20
CA GLU A 292 24.52 -20.10 15.28
C GLU A 292 25.08 -18.87 14.58
N ALA A 293 26.34 -18.90 14.17
CA ALA A 293 26.87 -17.87 13.28
C ALA A 293 26.40 -18.05 11.84
N LEU A 294 26.00 -19.27 11.46
CA LEU A 294 25.47 -19.56 10.15
C LEU A 294 23.95 -19.65 10.13
N ALA A 295 23.30 -19.27 11.22
CA ALA A 295 21.84 -19.29 11.25
C ALA A 295 21.22 -18.33 10.24
N PRO A 296 21.62 -17.06 10.14
CA PRO A 296 21.02 -16.17 9.14
C PRO A 296 21.70 -16.17 7.78
N VAL A 297 22.70 -17.02 7.58
CA VAL A 297 23.49 -16.97 6.35
C VAL A 297 22.68 -17.44 5.16
N THR A 298 21.96 -18.56 5.31
CA THR A 298 21.24 -19.12 4.18
C THR A 298 20.04 -18.26 3.78
N GLY A 299 19.30 -17.74 4.76
CA GLY A 299 18.18 -16.88 4.45
C GLY A 299 18.57 -15.54 3.88
N ALA A 300 19.84 -15.16 4.04
CA ALA A 300 20.31 -13.89 3.47
C ALA A 300 20.26 -13.92 1.95
N PHE A 301 20.72 -15.01 1.34
CA PHE A 301 20.75 -15.11 -0.10
C PHE A 301 19.46 -15.66 -0.69
N GLN A 302 18.64 -16.34 0.11
CA GLN A 302 17.39 -16.89 -0.41
C GLN A 302 16.41 -15.77 -0.73
N HIS A 303 16.27 -14.80 0.17
CA HIS A 303 15.40 -13.66 -0.06
C HIS A 303 16.01 -12.62 -0.99
N LEU A 304 17.17 -12.90 -1.56
CA LEU A 304 17.83 -11.94 -2.44
C LEU A 304 17.16 -11.87 -3.81
N GLY A 305 16.60 -12.99 -4.28
CA GLY A 305 15.88 -12.96 -5.55
C GLY A 305 14.65 -12.09 -5.54
N GLN A 306 14.08 -11.84 -4.36
CA GLN A 306 12.96 -10.92 -4.24
C GLN A 306 13.44 -9.48 -4.07
N VAL A 307 14.57 -9.28 -3.41
CA VAL A 307 15.13 -7.94 -3.27
C VAL A 307 15.66 -7.43 -4.61
N ILE A 308 16.31 -8.30 -5.37
CA ILE A 308 16.78 -7.91 -6.70
C ILE A 308 15.61 -7.53 -7.59
N ALA A 309 14.52 -8.28 -7.50
CA ALA A 309 13.33 -7.95 -8.28
C ALA A 309 12.77 -6.58 -7.88
N SER A 310 12.76 -6.29 -6.57
CA SER A 310 12.33 -4.97 -6.12
C SER A 310 13.29 -3.90 -6.61
N ALA A 311 14.59 -4.15 -6.50
CA ALA A 311 15.58 -3.15 -6.87
C ALA A 311 15.46 -2.76 -8.34
N VAL A 312 15.07 -3.70 -9.20
CA VAL A 312 14.88 -3.38 -10.62
C VAL A 312 13.70 -2.42 -10.79
N ARG A 313 12.66 -2.55 -9.96
CA ARG A 313 11.51 -1.68 -10.07
C ARG A 313 11.88 -0.23 -9.77
N ILE A 314 12.55 0.02 -8.64
CA ILE A 314 12.99 1.37 -8.31
C ILE A 314 13.99 1.86 -9.34
N SER A 315 14.91 0.99 -9.76
CA SER A 315 15.90 1.38 -10.76
C SER A 315 15.23 1.77 -12.06
N ASP A 316 14.20 1.03 -12.48
CA ASP A 316 13.48 1.38 -13.69
C ASP A 316 12.81 2.74 -13.57
N LEU A 317 12.20 3.03 -12.42
CA LEU A 317 11.52 4.30 -12.23
C LEU A 317 12.51 5.45 -12.17
N THR A 318 13.62 5.27 -11.47
CA THR A 318 14.60 6.35 -11.32
C THR A 318 15.58 6.44 -12.50
N ASP A 319 15.50 5.53 -13.47
CA ASP A 319 16.28 5.63 -14.69
C ASP A 319 15.46 6.17 -15.86
N GLN A 320 14.30 6.76 -15.58
CA GLN A 320 13.49 7.36 -16.63
C GLN A 320 13.94 8.79 -16.87
N LYS A 321 14.19 9.11 -18.13
CA LYS A 321 14.53 10.47 -18.50
C LYS A 321 13.27 11.24 -18.82
N PRO A 322 12.96 12.33 -18.12
CA PRO A 322 11.76 13.10 -18.44
C PRO A 322 11.83 13.65 -19.86
N GLU A 323 10.69 13.64 -20.54
CA GLU A 323 10.64 14.13 -21.92
C GLU A 323 10.89 15.62 -21.98
N VAL A 324 10.32 16.38 -21.04
CA VAL A 324 10.45 17.83 -21.01
C VAL A 324 11.51 18.20 -19.99
N THR A 325 12.47 19.02 -20.39
CA THR A 325 13.51 19.51 -19.51
C THR A 325 13.54 21.04 -19.56
N PHE A 326 13.94 21.65 -18.46
CA PHE A 326 13.84 23.09 -18.32
C PHE A 326 15.21 23.73 -18.18
N PRO A 327 15.38 24.93 -18.72
CA PRO A 327 16.63 25.68 -18.47
C PRO A 327 16.77 26.05 -17.00
N ASP A 328 18.01 26.16 -16.56
CA ASP A 328 18.32 26.55 -15.20
C ASP A 328 18.50 28.06 -15.03
N THR A 329 18.51 28.81 -16.13
CA THR A 329 18.72 30.25 -16.05
C THR A 329 17.56 30.92 -15.33
N GLN A 330 17.87 31.84 -14.42
CA GLN A 330 16.84 32.58 -13.71
C GLN A 330 16.31 33.71 -14.58
N THR A 331 15.00 33.93 -14.54
CA THR A 331 14.37 35.02 -15.26
C THR A 331 13.18 35.53 -14.46
N ARG A 332 12.79 36.77 -14.76
CA ARG A 332 11.67 37.47 -14.06
C ARG A 332 10.36 37.24 -14.82
N VAL A 333 9.27 37.05 -14.08
CA VAL A 333 7.95 36.83 -14.67
C VAL A 333 7.44 38.16 -15.23
N ALA A 334 7.07 38.16 -16.51
CA ALA A 334 6.56 39.36 -17.13
C ALA A 334 5.15 39.67 -16.63
N ASP A 335 4.76 40.94 -16.78
CA ASP A 335 3.43 41.37 -16.40
C ASP A 335 2.42 41.23 -17.54
N ARG A 336 2.88 41.18 -18.78
CA ARG A 336 2.02 40.97 -19.94
C ARG A 336 2.57 39.84 -20.77
N VAL A 337 1.69 38.96 -21.24
CA VAL A 337 2.08 37.78 -22.02
C VAL A 337 1.30 37.77 -23.32
N SER A 338 2.02 37.62 -24.43
CA SER A 338 1.43 37.43 -25.74
C SER A 338 2.08 36.23 -26.39
N LEU A 339 1.27 35.24 -26.75
CA LEU A 339 1.79 33.96 -27.22
C LEU A 339 1.62 33.83 -28.72
N THR A 340 2.62 33.25 -29.38
CA THR A 340 2.63 33.04 -30.82
C THR A 340 2.93 31.58 -31.11
N LEU A 341 2.11 30.96 -31.94
CA LEU A 341 2.32 29.58 -32.38
C LEU A 341 2.53 29.58 -33.88
N ARG A 342 3.50 28.81 -34.34
CA ARG A 342 3.84 28.72 -35.76
C ARG A 342 3.94 27.25 -36.17
N ASP A 343 2.90 26.75 -36.82
CA ASP A 343 2.88 25.40 -37.38
C ASP A 343 3.22 24.34 -36.33
N VAL A 344 2.56 24.43 -35.18
CA VAL A 344 2.77 23.47 -34.11
C VAL A 344 2.16 22.13 -34.51
N GLN A 345 2.96 21.08 -34.43
CA GLN A 345 2.51 19.73 -34.69
C GLN A 345 2.85 18.85 -33.50
N PHE A 346 2.04 17.81 -33.27
CA PHE A 346 2.23 16.97 -32.12
C PHE A 346 1.55 15.63 -32.33
N THR A 347 2.30 14.55 -32.12
CA THR A 347 1.77 13.20 -32.15
C THR A 347 1.93 12.59 -30.75
N TYR A 348 0.84 12.06 -30.23
CA TYR A 348 0.89 11.45 -28.91
C TYR A 348 1.77 10.20 -28.95
N PRO A 349 2.36 9.83 -27.82
CA PRO A 349 3.27 8.67 -27.82
C PRO A 349 2.57 7.41 -28.29
N GLU A 350 3.31 6.60 -29.05
CA GLU A 350 2.82 5.33 -29.59
C GLU A 350 1.57 5.53 -30.45
N GLN A 351 1.57 6.59 -31.26
CA GLN A 351 0.46 6.88 -32.17
C GLN A 351 1.01 7.21 -33.55
N SER A 352 0.19 6.95 -34.56
CA SER A 352 0.54 7.25 -35.95
C SER A 352 -0.05 8.56 -36.43
N GLN A 353 -1.33 8.80 -36.17
CA GLN A 353 -1.96 10.05 -36.57
C GLN A 353 -1.55 11.18 -35.63
N GLN A 354 -1.83 12.41 -36.06
CA GLN A 354 -1.41 13.60 -35.34
C GLN A 354 -2.58 14.20 -34.58
N ALA A 355 -2.35 14.52 -33.29
CA ALA A 355 -3.37 15.21 -32.52
C ALA A 355 -3.43 16.69 -32.88
N LEU A 356 -2.30 17.29 -33.21
CA LEU A 356 -2.22 18.68 -33.66
C LEU A 356 -1.53 18.70 -35.01
N LYS A 357 -2.12 19.41 -35.97
CA LYS A 357 -1.58 19.48 -37.33
C LYS A 357 -1.44 20.94 -37.73
N GLY A 358 -0.22 21.48 -37.61
CA GLY A 358 0.07 22.80 -38.12
C GLY A 358 -0.77 23.92 -37.57
N ILE A 359 -0.91 23.98 -36.24
CA ILE A 359 -1.68 25.05 -35.61
C ILE A 359 -0.83 26.30 -35.55
N SER A 360 -1.38 27.41 -36.06
CA SER A 360 -0.71 28.71 -36.02
C SER A 360 -1.72 29.76 -35.62
N LEU A 361 -1.48 30.41 -34.48
CA LEU A 361 -2.31 31.54 -34.06
C LEU A 361 -1.44 32.53 -33.30
N GLN A 362 -1.84 33.79 -33.35
CA GLN A 362 -1.13 34.91 -32.68
C GLN A 362 -2.09 35.57 -31.68
N VAL A 363 -1.81 35.43 -30.39
CA VAL A 363 -2.64 36.00 -29.34
C VAL A 363 -1.89 37.18 -28.74
N ASN A 364 -2.41 38.38 -28.95
CA ASN A 364 -1.75 39.58 -28.45
C ASN A 364 -1.90 39.67 -26.94
N ALA A 365 -1.14 40.57 -26.34
CA ALA A 365 -1.19 40.77 -24.90
C ALA A 365 -2.53 41.38 -24.51
N GLY A 366 -3.26 40.70 -23.62
CA GLY A 366 -4.53 41.18 -23.15
C GLY A 366 -5.73 40.76 -23.96
N GLU A 367 -5.53 40.02 -25.05
CA GLU A 367 -6.67 39.54 -25.84
C GLU A 367 -7.26 38.30 -25.22
N HIS A 368 -8.59 38.19 -25.28
CA HIS A 368 -9.32 37.04 -24.79
C HIS A 368 -9.73 36.18 -25.98
N ILE A 369 -9.31 34.93 -25.97
CA ILE A 369 -9.53 34.01 -27.08
C ILE A 369 -10.46 32.89 -26.64
N ALA A 370 -11.37 32.51 -27.53
CA ALA A 370 -12.27 31.39 -27.30
C ALA A 370 -12.00 30.32 -28.34
N ILE A 371 -11.72 29.10 -27.87
CA ILE A 371 -11.45 27.96 -28.74
C ILE A 371 -12.68 27.07 -28.75
N LEU A 372 -13.12 26.66 -29.93
CA LEU A 372 -14.30 25.85 -30.10
C LEU A 372 -14.00 24.69 -31.05
N GLY A 373 -14.77 23.64 -30.94
CA GLY A 373 -14.62 22.51 -31.83
C GLY A 373 -15.34 21.31 -31.29
N ARG A 374 -15.37 20.25 -32.10
CA ARG A 374 -15.98 19.01 -31.67
C ARG A 374 -15.11 18.33 -30.61
N THR A 375 -15.68 17.29 -30.01
CA THR A 375 -14.92 16.52 -29.03
C THR A 375 -13.85 15.70 -29.73
N GLY A 376 -12.64 15.71 -29.18
CA GLY A 376 -11.54 14.99 -29.79
C GLY A 376 -10.84 15.75 -30.89
N CYS A 377 -10.98 17.06 -30.95
CA CYS A 377 -10.36 17.88 -31.98
C CYS A 377 -9.03 18.48 -31.53
N GLY A 378 -8.57 18.17 -30.33
CA GLY A 378 -7.29 18.67 -29.87
C GLY A 378 -7.34 19.96 -29.10
N LYS A 379 -8.45 20.26 -28.43
CA LYS A 379 -8.55 21.50 -27.67
C LYS A 379 -7.71 21.45 -26.40
N SER A 380 -7.80 20.36 -25.65
CA SER A 380 -7.01 20.23 -24.44
C SER A 380 -5.57 19.89 -24.76
N THR A 381 -5.33 19.21 -25.88
CA THR A 381 -3.97 18.95 -26.32
C THR A 381 -3.23 20.24 -26.61
N LEU A 382 -3.92 21.20 -27.23
CA LEU A 382 -3.33 22.51 -27.47
C LEU A 382 -2.99 23.21 -26.17
N LEU A 383 -3.91 23.16 -25.20
CA LEU A 383 -3.70 23.84 -23.92
C LEU A 383 -2.62 23.18 -23.08
N GLN A 384 -2.33 21.90 -23.30
CA GLN A 384 -1.24 21.25 -22.60
C GLN A 384 0.10 21.45 -23.29
N GLN A 385 0.08 21.85 -24.56
CA GLN A 385 1.33 22.26 -25.22
C GLN A 385 1.85 23.56 -24.63
N LEU A 386 0.94 24.49 -24.32
CA LEU A 386 1.33 25.76 -23.74
C LEU A 386 1.83 25.62 -22.31
N THR A 387 1.56 24.48 -21.68
CA THR A 387 2.03 24.20 -20.33
C THR A 387 3.32 23.39 -20.33
N ARG A 388 3.88 23.12 -21.51
CA ARG A 388 5.09 22.31 -21.66
C ARG A 388 4.89 20.90 -21.10
N ALA A 389 3.71 20.33 -21.33
CA ALA A 389 3.50 18.93 -20.98
C ALA A 389 4.28 18.03 -21.91
N TRP A 390 4.31 18.34 -23.20
CA TRP A 390 5.13 17.64 -24.18
C TRP A 390 5.86 18.66 -25.03
N ASP A 391 6.83 18.16 -25.79
CA ASP A 391 7.59 19.03 -26.73
C ASP A 391 6.94 18.89 -28.11
N PRO A 392 6.44 19.97 -28.75
CA PRO A 392 5.82 19.86 -30.06
C PRO A 392 6.85 19.41 -31.10
N GLN A 393 6.43 18.57 -32.05
CA GLN A 393 7.37 18.09 -33.09
C GLN A 393 7.21 18.98 -34.32
N GLN A 394 8.32 19.56 -34.80
CA GLN A 394 8.34 20.46 -35.99
C GLN A 394 7.39 21.64 -35.78
N GLY A 395 7.37 22.22 -34.57
CA GLY A 395 6.55 23.41 -34.29
C GLY A 395 7.24 24.31 -33.28
N GLU A 396 6.94 25.62 -33.29
CA GLU A 396 7.59 26.55 -32.33
C GLU A 396 6.53 27.37 -31.59
N ILE A 397 6.63 27.42 -30.26
CA ILE A 397 5.71 28.21 -29.39
C ILE A 397 6.51 29.37 -28.81
N LEU A 398 5.94 30.58 -28.78
CA LEU A 398 6.66 31.74 -28.31
C LEU A 398 5.82 32.49 -27.28
N LEU A 399 6.43 32.79 -26.13
CA LEU A 399 5.83 33.68 -25.14
C LEU A 399 6.65 34.97 -25.11
N ASN A 400 5.99 36.10 -25.39
CA ASN A 400 6.66 37.40 -25.46
C ASN A 400 7.81 37.37 -26.45
N ASP A 401 7.59 36.73 -27.60
CA ASP A 401 8.57 36.64 -28.68
C ASP A 401 9.86 35.95 -28.23
N SER A 402 9.75 35.04 -27.27
CA SER A 402 10.85 34.20 -26.83
C SER A 402 10.34 32.77 -26.72
N PRO A 403 11.18 31.78 -27.00
CA PRO A 403 10.70 30.39 -26.98
C PRO A 403 10.18 29.99 -25.61
N ILE A 404 9.13 29.18 -25.61
CA ILE A 404 8.58 28.69 -24.35
C ILE A 404 9.49 27.65 -23.72
N ALA A 405 10.43 27.11 -24.48
CA ALA A 405 11.41 26.17 -23.94
C ALA A 405 12.59 26.86 -23.31
N SER A 406 12.61 28.19 -23.29
CA SER A 406 13.70 28.96 -22.69
C SER A 406 13.29 29.62 -21.39
N LEU A 407 12.26 29.10 -20.73
CA LEU A 407 11.77 29.65 -19.47
C LEU A 407 12.12 28.69 -18.33
N ASN A 408 12.64 29.25 -17.25
CA ASN A 408 12.81 28.49 -16.02
C ASN A 408 11.46 27.97 -15.55
N GLU A 409 11.44 26.74 -15.02
CA GLU A 409 10.18 26.14 -14.61
C GLU A 409 9.53 26.96 -13.50
N ALA A 410 10.33 27.47 -12.56
CA ALA A 410 9.77 28.33 -11.53
C ALA A 410 9.22 29.63 -12.09
N ALA A 411 9.58 29.97 -13.33
CA ALA A 411 9.02 31.14 -14.01
C ALA A 411 7.92 30.78 -15.00
N LEU A 412 7.96 29.58 -15.57
CA LEU A 412 6.91 29.15 -16.48
C LEU A 412 5.60 28.92 -15.73
N ARG A 413 5.67 28.37 -14.51
CA ARG A 413 4.46 28.09 -13.76
C ARG A 413 3.87 29.35 -13.14
N GLN A 414 4.66 30.40 -12.96
CA GLN A 414 4.16 31.65 -12.43
C GLN A 414 3.57 32.56 -13.49
N THR A 415 3.75 32.25 -14.78
CA THR A 415 3.23 33.07 -15.86
C THR A 415 2.04 32.43 -16.57
N ILE A 416 1.56 31.29 -16.09
CA ILE A 416 0.44 30.59 -16.72
C ILE A 416 -0.47 30.06 -15.62
N SER A 417 -1.77 30.33 -15.74
CA SER A 417 -2.80 29.78 -14.87
C SER A 417 -3.70 28.86 -15.69
N VAL A 418 -3.94 27.67 -15.19
CA VAL A 418 -4.70 26.66 -15.91
C VAL A 418 -5.87 26.20 -15.06
N VAL A 419 -7.05 26.12 -15.67
CA VAL A 419 -8.19 25.42 -15.11
C VAL A 419 -8.38 24.15 -15.94
N PRO A 420 -7.98 22.98 -15.46
CA PRO A 420 -8.06 21.78 -16.29
C PRO A 420 -9.50 21.35 -16.50
N GLN A 421 -9.68 20.51 -17.52
CA GLN A 421 -11.00 19.96 -17.77
C GLN A 421 -11.43 19.04 -16.64
N ARG A 422 -10.50 18.25 -16.11
CA ARG A 422 -10.77 17.35 -14.99
C ARG A 422 -10.12 17.93 -13.74
N VAL A 423 -10.94 18.20 -12.74
CA VAL A 423 -10.47 18.81 -11.49
C VAL A 423 -10.11 17.69 -10.52
N HIS A 424 -9.04 17.90 -9.76
CA HIS A 424 -8.63 16.97 -8.72
C HIS A 424 -8.77 17.62 -7.35
N LEU A 425 -9.47 16.94 -6.46
CA LEU A 425 -9.61 17.35 -5.06
C LEU A 425 -8.62 16.56 -4.24
N PHE A 426 -7.57 17.23 -3.76
CA PHE A 426 -6.58 16.57 -2.94
C PHE A 426 -7.18 16.23 -1.57
N SER A 427 -6.58 15.22 -0.94
CA SER A 427 -7.07 14.78 0.37
C SER A 427 -6.83 15.82 1.46
N ALA A 428 -6.03 16.84 1.20
CA ALA A 428 -5.70 17.83 2.21
C ALA A 428 -6.92 18.67 2.58
N THR A 429 -6.72 19.60 3.51
CA THR A 429 -7.79 20.46 3.96
C THR A 429 -8.25 21.38 2.84
N LEU A 430 -9.30 22.16 3.11
CA LEU A 430 -9.76 23.15 2.14
C LEU A 430 -8.71 24.23 1.93
N ARG A 431 -8.05 24.65 3.00
CA ARG A 431 -7.01 25.67 2.89
C ARG A 431 -5.86 25.19 2.01
N ASP A 432 -5.42 23.95 2.20
CA ASP A 432 -4.31 23.42 1.41
C ASP A 432 -4.73 23.07 -0.01
N ASN A 433 -6.02 22.92 -0.27
CA ASN A 433 -6.48 22.75 -1.64
C ASN A 433 -6.46 24.07 -2.40
N LEU A 434 -6.50 25.19 -1.68
CA LEU A 434 -6.43 26.50 -2.30
C LEU A 434 -5.03 27.10 -2.25
N LEU A 435 -4.14 26.55 -1.44
CA LEU A 435 -2.78 27.05 -1.33
C LEU A 435 -1.82 26.38 -2.31
N LEU A 436 -2.33 25.53 -3.20
CA LEU A 436 -1.51 25.08 -4.32
C LEU A 436 -1.06 26.25 -5.16
N ALA A 437 -1.97 27.16 -5.46
CA ALA A 437 -1.66 28.42 -6.11
C ALA A 437 -1.65 29.52 -5.07
N SER A 438 -0.64 30.39 -5.14
CA SER A 438 -0.44 31.45 -4.16
C SER A 438 -0.27 30.86 -2.78
N PRO A 439 0.84 30.17 -2.50
CA PRO A 439 1.03 29.58 -1.16
C PRO A 439 1.14 30.61 -0.05
N GLY A 440 1.42 31.87 -0.38
CA GLY A 440 1.52 32.91 0.62
C GLY A 440 0.23 33.62 0.95
N SER A 441 -0.89 33.19 0.38
CA SER A 441 -2.16 33.85 0.60
C SER A 441 -2.62 33.66 2.04
N SER A 442 -3.18 34.73 2.61
CA SER A 442 -3.69 34.69 3.98
C SER A 442 -5.08 34.05 4.01
N ASP A 443 -5.57 33.82 5.23
CA ASP A 443 -6.88 33.20 5.37
C ASP A 443 -8.00 34.14 4.95
N GLU A 444 -7.82 35.45 5.12
CA GLU A 444 -8.81 36.41 4.64
C GLU A 444 -8.89 36.39 3.12
N ALA A 445 -7.75 36.28 2.45
CA ALA A 445 -7.74 36.22 0.99
C ALA A 445 -8.38 34.92 0.49
N LEU A 446 -8.10 33.80 1.16
CA LEU A 446 -8.69 32.53 0.75
C LEU A 446 -10.20 32.56 0.90
N SER A 447 -10.71 33.12 1.99
CA SER A 447 -12.15 33.18 2.21
C SER A 447 -12.82 34.09 1.18
N GLU A 448 -12.16 35.18 0.79
CA GLU A 448 -12.77 36.11 -0.14
C GLU A 448 -12.94 35.50 -1.52
N ILE A 449 -11.92 34.78 -2.01
CA ILE A 449 -12.03 34.18 -3.33
C ILE A 449 -13.09 33.08 -3.34
N LEU A 450 -13.32 32.42 -2.20
CA LEU A 450 -14.37 31.42 -2.13
C LEU A 450 -15.74 32.06 -2.19
N ARG A 451 -15.91 33.23 -1.56
CA ARG A 451 -17.18 33.94 -1.62
C ARG A 451 -17.48 34.42 -3.03
N ARG A 452 -16.45 34.92 -3.74
CA ARG A 452 -16.65 35.41 -5.10
C ARG A 452 -17.08 34.29 -6.04
N VAL A 453 -16.46 33.11 -5.90
CA VAL A 453 -16.73 32.02 -6.83
C VAL A 453 -18.00 31.26 -6.47
N GLY A 454 -18.64 31.60 -5.36
CA GLY A 454 -19.88 30.96 -4.98
C GLY A 454 -19.75 29.79 -4.03
N LEU A 455 -18.59 29.61 -3.39
CA LEU A 455 -18.34 28.51 -2.47
C LEU A 455 -18.36 28.95 -1.02
N GLU A 456 -19.22 29.92 -0.69
CA GLU A 456 -19.29 30.43 0.70
C GLU A 456 -19.78 29.32 1.64
N LYS A 457 -20.34 28.25 1.07
CA LYS A 457 -20.87 27.12 1.88
C LYS A 457 -19.70 26.41 2.59
N LEU A 458 -18.56 26.28 1.91
CA LEU A 458 -17.37 25.60 2.47
C LEU A 458 -16.81 26.35 3.68
N LEU A 459 -17.24 27.59 3.90
CA LEU A 459 -16.72 28.37 5.05
C LEU A 459 -17.53 28.01 6.31
N GLU A 460 -18.60 27.23 6.17
CA GLU A 460 -19.44 26.83 7.33
C GLU A 460 -18.78 25.67 8.09
N ASP A 461 -19.23 25.43 9.32
CA ASP A 461 -18.69 24.32 10.17
C ASP A 461 -17.18 24.51 10.33
N ALA A 462 -16.41 23.47 10.02
CA ALA A 462 -14.93 23.50 10.13
C ALA A 462 -14.37 24.56 9.17
N GLY A 463 -14.95 24.67 7.98
CA GLY A 463 -14.51 25.64 6.96
C GLY A 463 -13.09 25.36 6.48
N LEU A 464 -12.24 26.39 6.46
CA LEU A 464 -10.84 26.27 5.97
C LEU A 464 -10.14 25.04 6.55
N ASN A 465 -10.41 24.69 7.82
CA ASN A 465 -9.73 23.52 8.44
C ASN A 465 -10.43 22.21 8.06
N SER A 466 -11.52 22.29 7.28
CA SER A 466 -12.26 21.09 6.90
C SER A 466 -11.44 20.21 5.97
N TRP A 467 -11.42 18.91 6.25
CA TRP A 467 -10.69 17.97 5.44
C TRP A 467 -11.51 17.59 4.22
N LEU A 468 -10.92 17.76 3.04
CA LEU A 468 -11.58 17.47 1.77
C LEU A 468 -10.99 16.21 1.16
N GLY A 469 -11.51 15.84 -0.01
CA GLY A 469 -10.98 14.71 -0.73
C GLY A 469 -11.33 13.39 -0.06
N GLU A 470 -10.58 12.35 -0.44
CA GLU A 470 -10.74 11.05 0.18
C GLU A 470 -10.39 11.13 1.66
N GLY A 471 -11.21 10.49 2.48
CA GLY A 471 -11.06 10.60 3.91
C GLY A 471 -11.75 11.80 4.52
N GLY A 472 -12.40 12.62 3.72
CA GLY A 472 -13.09 13.81 4.20
C GLY A 472 -14.30 14.08 3.35
N ARG A 473 -14.65 15.36 3.25
CA ARG A 473 -15.83 15.76 2.50
C ARG A 473 -15.51 15.81 1.01
N GLN A 474 -16.38 15.19 0.20
CA GLN A 474 -16.20 15.16 -1.28
C GLN A 474 -17.14 16.19 -1.89
N LEU A 475 -16.60 17.20 -2.58
CA LEU A 475 -17.40 18.23 -3.23
C LEU A 475 -18.12 17.66 -4.44
N SER A 476 -19.21 18.32 -4.81
CA SER A 476 -20.01 17.92 -5.97
C SER A 476 -19.24 18.22 -7.25
N GLY A 477 -19.82 17.83 -8.38
CA GLY A 477 -19.18 18.11 -9.66
C GLY A 477 -19.07 19.59 -9.96
N GLY A 478 -20.13 20.34 -9.70
CA GLY A 478 -20.09 21.78 -9.89
C GLY A 478 -19.37 22.55 -8.82
N GLU A 479 -19.03 21.91 -7.71
CA GLU A 479 -18.24 22.55 -6.67
C GLU A 479 -16.75 22.29 -6.85
N LEU A 480 -16.38 21.13 -7.41
CA LEU A 480 -15.01 20.93 -7.86
C LEU A 480 -14.68 21.92 -8.98
N ARG A 481 -15.62 22.13 -9.89
CA ARG A 481 -15.39 23.01 -11.02
C ARG A 481 -15.07 24.43 -10.56
N ARG A 482 -15.79 24.91 -9.55
CA ARG A 482 -15.55 26.25 -9.05
C ARG A 482 -14.37 26.32 -8.09
N LEU A 483 -13.92 25.18 -7.55
CA LEU A 483 -12.71 25.19 -6.75
C LEU A 483 -11.47 25.29 -7.64
N ALA A 484 -11.53 24.68 -8.83
CA ALA A 484 -10.44 24.84 -9.78
C ALA A 484 -10.33 26.27 -10.26
N ILE A 485 -11.46 26.94 -10.47
CA ILE A 485 -11.45 28.35 -10.84
C ILE A 485 -10.88 29.19 -9.70
N ALA A 486 -11.20 28.82 -8.45
CA ALA A 486 -10.65 29.53 -7.30
C ALA A 486 -9.13 29.37 -7.25
N ARG A 487 -8.63 28.19 -7.60
CA ARG A 487 -7.18 27.99 -7.63
C ARG A 487 -6.52 28.89 -8.66
N ALA A 488 -7.11 29.01 -9.85
CA ALA A 488 -6.50 29.82 -10.89
C ALA A 488 -6.63 31.31 -10.61
N LEU A 489 -7.71 31.72 -9.94
CA LEU A 489 -7.86 33.13 -9.60
C LEU A 489 -6.89 33.54 -8.50
N LEU A 490 -6.51 32.60 -7.64
CA LEU A 490 -5.50 32.90 -6.62
C LEU A 490 -4.11 32.93 -7.22
N HIS A 491 -3.86 32.12 -8.25
CA HIS A 491 -2.54 32.09 -8.88
C HIS A 491 -2.18 33.45 -9.48
N ASP A 492 -3.14 34.09 -10.16
CA ASP A 492 -2.99 35.44 -10.68
C ASP A 492 -1.83 35.51 -11.68
N ALA A 493 -1.96 34.74 -12.76
CA ALA A 493 -0.93 34.73 -13.79
C ALA A 493 -1.34 35.57 -14.98
N PRO A 494 -0.38 36.17 -15.69
CA PRO A 494 -0.74 36.99 -16.87
C PRO A 494 -1.46 36.22 -17.96
N LEU A 495 -1.12 34.96 -18.15
CA LEU A 495 -1.75 34.12 -19.17
C LEU A 495 -2.59 33.04 -18.50
N VAL A 496 -3.86 32.97 -18.87
CA VAL A 496 -4.80 32.05 -18.24
C VAL A 496 -5.36 31.12 -19.31
N LEU A 497 -5.26 29.81 -19.07
CA LEU A 497 -5.80 28.81 -19.96
C LEU A 497 -6.97 28.13 -19.26
N LEU A 498 -8.18 28.44 -19.70
CA LEU A 498 -9.41 27.89 -19.14
C LEU A 498 -9.89 26.77 -20.05
N ASP A 499 -10.00 25.56 -19.49
CA ASP A 499 -10.43 24.39 -20.25
C ASP A 499 -11.84 24.02 -19.79
N GLN A 500 -12.84 24.55 -20.50
CA GLN A 500 -14.24 24.38 -20.14
C GLN A 500 -14.49 24.73 -18.67
N PRO A 501 -14.28 25.99 -18.27
CA PRO A 501 -14.45 26.34 -16.87
C PRO A 501 -15.89 26.29 -16.39
N THR A 502 -16.84 26.63 -17.26
CA THR A 502 -18.26 26.61 -16.87
C THR A 502 -18.91 25.33 -17.37
N GLU A 503 -18.41 24.21 -16.86
CA GLU A 503 -18.92 22.90 -17.24
C GLU A 503 -19.65 22.27 -16.07
N GLY A 504 -20.86 21.79 -16.32
CA GLY A 504 -21.67 21.22 -15.27
C GLY A 504 -22.21 22.24 -14.29
N LEU A 505 -22.34 23.49 -14.71
CA LEU A 505 -22.85 24.56 -13.88
C LEU A 505 -24.21 25.00 -14.40
N ASP A 506 -25.15 25.24 -13.49
CA ASP A 506 -26.46 25.72 -13.88
C ASP A 506 -26.35 27.12 -14.47
N ALA A 507 -27.46 27.59 -15.03
CA ALA A 507 -27.45 28.88 -15.71
C ALA A 507 -27.16 30.02 -14.74
N THR A 508 -27.65 29.91 -13.50
CA THR A 508 -27.42 30.99 -12.53
C THR A 508 -25.97 31.03 -12.08
N THR A 509 -25.36 29.87 -11.81
CA THR A 509 -23.96 29.85 -11.40
C THR A 509 -23.04 30.20 -12.57
N GLU A 510 -23.35 29.69 -13.76
CA GLU A 510 -22.53 30.00 -14.93
C GLU A 510 -22.57 31.48 -15.24
N SER A 511 -23.74 32.12 -15.10
CA SER A 511 -23.82 33.56 -15.29
C SER A 511 -22.96 34.29 -14.26
N GLN A 512 -23.01 33.86 -13.01
CA GLN A 512 -22.22 34.50 -11.96
C GLN A 512 -20.72 34.25 -12.18
N ILE A 513 -20.37 33.04 -12.62
CA ILE A 513 -18.96 32.73 -12.86
C ILE A 513 -18.42 33.51 -14.04
N LEU A 514 -19.17 33.52 -15.15
CA LEU A 514 -18.73 34.26 -16.33
C LEU A 514 -18.66 35.76 -16.05
N GLU A 515 -19.57 36.26 -15.22
CA GLU A 515 -19.48 37.66 -14.80
C GLU A 515 -18.24 37.90 -13.96
N LEU A 516 -17.90 36.95 -13.08
CA LEU A 516 -16.70 37.09 -12.26
C LEU A 516 -15.44 37.03 -13.12
N LEU A 517 -15.39 36.10 -14.07
CA LEU A 517 -14.19 35.95 -14.89
C LEU A 517 -13.95 37.19 -15.74
N ALA A 518 -15.01 37.79 -16.28
CA ALA A 518 -14.85 38.98 -17.09
C ALA A 518 -14.27 40.14 -16.28
N GLU A 519 -14.73 40.31 -15.05
CA GLU A 519 -14.21 41.37 -14.20
C GLU A 519 -12.82 41.01 -13.67
N MET A 520 -12.65 39.76 -13.23
CA MET A 520 -11.39 39.36 -12.62
C MET A 520 -10.27 39.29 -13.65
N MET A 521 -10.54 38.68 -14.80
CA MET A 521 -9.51 38.42 -15.81
C MET A 521 -9.45 39.53 -16.86
N ARG A 522 -9.29 40.77 -16.42
CA ARG A 522 -9.06 41.89 -17.32
C ARG A 522 -7.57 42.16 -17.45
N GLU A 523 -7.20 42.81 -18.55
CA GLU A 523 -5.81 42.94 -19.01
C GLU A 523 -5.02 41.66 -18.77
N LYS A 524 -5.65 40.52 -19.01
CA LYS A 524 -5.00 39.21 -18.89
C LYS A 524 -5.23 38.43 -20.19
N THR A 525 -4.17 37.83 -20.70
CA THR A 525 -4.30 36.98 -21.87
C THR A 525 -5.01 35.69 -21.49
N VAL A 526 -6.13 35.40 -22.15
CA VAL A 526 -6.98 34.27 -21.79
C VAL A 526 -7.24 33.44 -23.04
N LEU A 527 -7.05 32.13 -22.92
CA LEU A 527 -7.43 31.16 -23.95
C LEU A 527 -8.52 30.30 -23.35
N MET A 528 -9.77 30.77 -23.50
CA MET A 528 -10.95 30.11 -22.90
C MET A 528 -11.54 29.06 -23.86
N VAL A 529 -11.39 27.78 -23.48
CA VAL A 529 -11.95 26.67 -24.24
C VAL A 529 -13.29 26.30 -23.62
N THR A 530 -14.34 26.26 -24.42
CA THR A 530 -15.63 25.69 -24.00
C THR A 530 -16.34 25.08 -25.19
N HIS A 531 -17.26 24.17 -24.88
CA HIS A 531 -18.29 23.76 -25.82
C HIS A 531 -19.54 24.62 -25.69
N ARG A 532 -19.53 25.56 -24.75
CA ARG A 532 -20.68 26.46 -24.49
C ARG A 532 -20.45 27.78 -25.24
N LEU A 533 -21.39 28.17 -26.10
CA LEU A 533 -21.27 29.38 -26.91
C LEU A 533 -21.84 30.60 -26.22
N ARG A 534 -21.97 30.59 -24.89
CA ARG A 534 -22.52 31.73 -24.18
C ARG A 534 -21.43 32.74 -23.85
N GLY A 535 -21.76 34.02 -23.99
CA GLY A 535 -20.82 35.08 -23.68
C GLY A 535 -19.61 35.14 -24.59
N LEU A 536 -19.78 34.79 -25.86
CA LEU A 536 -18.69 34.83 -26.83
C LEU A 536 -18.63 36.15 -27.58
N SER A 537 -19.57 37.06 -27.35
CA SER A 537 -19.54 38.35 -28.01
C SER A 537 -18.44 39.26 -27.44
N ARG A 538 -17.89 38.89 -26.27
CA ARG A 538 -16.87 39.73 -25.58
C ARG A 538 -15.45 39.18 -25.79
N PHE A 539 -15.26 38.27 -26.75
CA PHE A 539 -13.96 37.68 -27.01
C PHE A 539 -13.44 38.17 -28.35
N GLN A 540 -12.19 38.67 -28.35
CA GLN A 540 -11.65 39.33 -29.54
C GLN A 540 -11.55 38.37 -30.71
N GLN A 541 -11.24 37.10 -30.47
CA GLN A 541 -11.14 36.12 -31.53
C GLN A 541 -11.84 34.84 -31.11
N ILE A 542 -12.44 34.17 -32.10
CA ILE A 542 -13.07 32.88 -31.90
C ILE A 542 -12.37 31.88 -32.81
N ILE A 543 -11.77 30.86 -32.21
CA ILE A 543 -11.03 29.84 -32.94
C ILE A 543 -11.88 28.58 -32.97
N VAL A 544 -12.06 28.02 -34.17
CA VAL A 544 -12.83 26.79 -34.36
C VAL A 544 -11.88 25.74 -34.89
N MET A 545 -11.76 24.64 -34.15
CA MET A 545 -10.87 23.54 -34.49
C MET A 545 -11.65 22.36 -35.03
N ASP A 546 -10.96 21.50 -35.78
CA ASP A 546 -11.54 20.26 -36.26
C ASP A 546 -10.42 19.32 -36.65
N ASN A 547 -10.31 18.19 -35.95
CA ASN A 547 -9.33 17.15 -36.25
C ASN A 547 -7.91 17.70 -36.19
N GLY A 548 -7.63 18.50 -35.16
CA GLY A 548 -6.28 18.97 -34.92
C GLY A 548 -5.84 20.13 -35.78
N GLN A 549 -6.76 20.81 -36.46
CA GLN A 549 -6.44 21.94 -37.32
C GLN A 549 -7.44 23.05 -37.10
N ILE A 550 -6.99 24.29 -37.20
CA ILE A 550 -7.88 25.44 -37.07
C ILE A 550 -8.61 25.65 -38.39
N ILE A 551 -9.94 25.60 -38.34
CA ILE A 551 -10.75 25.74 -39.54
C ILE A 551 -11.18 27.17 -39.78
N GLU A 552 -11.72 27.82 -38.75
CA GLU A 552 -12.23 29.18 -38.88
C GLU A 552 -11.63 30.05 -37.78
N GLN A 553 -11.73 31.36 -37.99
CA GLN A 553 -11.10 32.32 -37.08
C GLN A 553 -11.71 33.69 -37.33
N GLY A 554 -12.04 34.39 -36.26
CA GLY A 554 -12.61 35.72 -36.38
C GLY A 554 -13.38 36.10 -35.15
N THR A 555 -13.88 37.33 -35.16
CA THR A 555 -14.69 37.84 -34.08
C THR A 555 -16.08 37.19 -34.13
N HIS A 556 -16.83 37.33 -33.03
CA HIS A 556 -18.15 36.71 -32.96
C HIS A 556 -19.08 37.24 -34.04
N ALA A 557 -19.06 38.55 -34.29
CA ALA A 557 -19.90 39.12 -35.34
C ALA A 557 -19.49 38.62 -36.71
N GLU A 558 -18.18 38.54 -36.97
CA GLU A 558 -17.71 38.10 -38.28
C GLU A 558 -18.09 36.66 -38.56
N LEU A 559 -17.94 35.78 -37.57
CA LEU A 559 -18.21 34.36 -37.79
C LEU A 559 -19.68 34.11 -38.09
N LEU A 560 -20.58 34.82 -37.39
CA LEU A 560 -22.01 34.68 -37.68
C LEU A 560 -22.33 35.14 -39.09
N ALA A 561 -21.74 36.26 -39.51
CA ALA A 561 -22.02 36.79 -40.84
C ALA A 561 -21.56 35.84 -41.94
N ARG A 562 -20.39 35.22 -41.75
CA ARG A 562 -19.85 34.32 -42.75
C ARG A 562 -20.58 32.98 -42.80
N GLN A 563 -21.38 32.65 -41.79
CA GLN A 563 -22.15 31.40 -41.75
C GLN A 563 -21.24 30.19 -41.88
N GLY A 564 -20.15 30.19 -41.12
CA GLY A 564 -19.23 29.07 -41.09
C GLY A 564 -19.68 28.00 -40.13
N ARG A 565 -18.74 27.12 -39.77
CA ARG A 565 -19.06 26.03 -38.85
C ARG A 565 -19.49 26.56 -37.49
N TYR A 566 -19.06 27.77 -37.12
CA TYR A 566 -19.55 28.38 -35.89
C TYR A 566 -21.05 28.67 -35.98
N TYR A 567 -21.56 28.92 -37.18
CA TYR A 567 -22.98 29.21 -37.35
C TYR A 567 -23.84 27.99 -36.99
N GLN A 568 -23.45 26.80 -37.46
CA GLN A 568 -24.19 25.61 -37.09
C GLN A 568 -24.06 25.30 -35.60
N PHE A 569 -22.94 25.66 -34.99
CA PHE A 569 -22.82 25.55 -33.54
C PHE A 569 -23.86 26.41 -32.85
N LYS A 570 -24.00 27.66 -33.27
CA LYS A 570 -24.93 28.58 -32.61
C LYS A 570 -26.38 28.23 -32.95
N GLN A 571 -26.65 27.90 -34.21
CA GLN A 571 -28.00 27.58 -34.64
C GLN A 571 -28.23 26.09 -34.71
N MET B 1 -4.19 3.76 23.21
CA MET B 1 -3.88 2.66 24.12
C MET B 1 -4.96 2.50 25.19
N ASN B 2 -6.00 1.74 24.86
CA ASN B 2 -7.04 1.38 25.82
C ASN B 2 -6.99 -0.12 26.04
N LYS B 3 -6.81 -0.53 27.30
CA LYS B 3 -6.75 -1.95 27.60
C LYS B 3 -8.07 -2.64 27.31
N SER B 4 -9.19 -1.93 27.50
CA SER B 4 -10.49 -2.48 27.13
C SER B 4 -10.56 -2.72 25.63
N ARG B 5 -10.05 -1.79 24.83
CA ARG B 5 -10.08 -1.95 23.38
C ARG B 5 -9.10 -3.04 22.94
N GLN B 6 -7.88 -3.01 23.46
CA GLN B 6 -6.89 -4.02 23.08
C GLN B 6 -7.31 -5.42 23.50
N LYS B 7 -8.19 -5.55 24.49
CA LYS B 7 -8.75 -6.84 24.83
C LYS B 7 -9.84 -7.25 23.85
N GLU B 8 -10.54 -6.29 23.25
CA GLU B 8 -11.49 -6.59 22.20
C GLU B 8 -10.79 -7.05 20.93
N LEU B 9 -9.64 -6.44 20.62
CA LEU B 9 -8.90 -6.81 19.42
C LEU B 9 -8.28 -8.19 19.56
N THR B 10 -7.75 -8.51 20.74
CA THR B 10 -7.19 -9.84 20.96
C THR B 10 -8.27 -10.90 20.91
N ARG B 11 -9.46 -10.58 21.44
CA ARG B 11 -10.59 -11.50 21.32
C ARG B 11 -10.97 -11.71 19.86
N TRP B 12 -11.01 -10.64 19.07
CA TRP B 12 -11.30 -10.77 17.66
C TRP B 12 -10.20 -11.52 16.93
N LEU B 13 -8.94 -11.24 17.26
CA LEU B 13 -7.83 -11.95 16.64
C LEU B 13 -7.91 -13.44 16.91
N LYS B 14 -8.22 -13.83 18.15
CA LYS B 14 -8.30 -15.24 18.49
C LYS B 14 -9.46 -15.93 17.79
N GLN B 15 -10.55 -15.20 17.54
CA GLN B 15 -11.71 -15.80 16.87
C GLN B 15 -11.36 -16.29 15.47
N GLN B 16 -10.54 -15.52 14.75
CA GLN B 16 -10.21 -15.88 13.37
C GLN B 16 -9.33 -17.11 13.27
N SER B 17 -8.77 -17.59 14.38
CA SER B 17 -7.88 -18.73 14.36
C SER B 17 -8.61 -20.07 14.39
N VAL B 18 -9.92 -20.07 14.61
CA VAL B 18 -10.66 -21.33 14.72
C VAL B 18 -10.64 -22.09 13.41
N ILE B 19 -10.51 -21.39 12.28
CA ILE B 19 -10.47 -22.06 10.98
C ILE B 19 -9.25 -22.97 10.87
N SER B 20 -8.17 -22.66 11.59
CA SER B 20 -6.94 -23.43 11.55
C SER B 20 -6.60 -24.03 12.91
N GLN B 21 -7.63 -24.38 13.69
CA GLN B 21 -7.40 -24.92 15.03
C GLN B 21 -6.64 -26.24 14.97
N ARG B 22 -6.99 -27.11 14.01
CA ARG B 22 -6.31 -28.39 13.90
C ARG B 22 -4.83 -28.23 13.59
N TRP B 23 -4.49 -27.30 12.70
CA TRP B 23 -3.09 -27.08 12.36
C TRP B 23 -2.34 -26.42 13.51
N LEU B 24 -3.02 -25.64 14.35
CA LEU B 24 -2.35 -25.01 15.47
C LEU B 24 -2.11 -25.99 16.60
N ASN B 25 -2.84 -27.12 16.62
CA ASN B 25 -2.60 -28.14 17.62
C ASN B 25 -1.51 -29.12 17.20
N ILE B 26 -1.35 -29.35 15.89
CA ILE B 26 -0.28 -30.21 15.41
C ILE B 26 1.07 -29.53 15.66
N SER B 27 1.15 -28.23 15.46
CA SER B 27 2.41 -27.53 15.73
C SER B 27 2.68 -27.43 17.22
N ARG B 28 1.64 -27.41 18.05
CA ARG B 28 1.85 -27.51 19.49
C ARG B 28 2.41 -28.88 19.86
N LEU B 29 1.93 -29.93 19.20
CA LEU B 29 2.48 -31.26 19.41
C LEU B 29 3.91 -31.36 18.91
N LEU B 30 4.15 -30.89 17.67
CA LEU B 30 5.48 -31.00 17.09
C LEU B 30 6.51 -30.17 17.85
N GLY B 31 6.08 -29.03 18.41
CA GLY B 31 7.00 -28.27 19.24
C GLY B 31 7.37 -29.00 20.52
N PHE B 32 6.41 -29.71 21.11
CA PHE B 32 6.71 -30.53 22.28
C PHE B 32 7.62 -31.69 21.92
N VAL B 33 7.39 -32.32 20.75
CA VAL B 33 8.23 -33.43 20.33
C VAL B 33 9.66 -32.96 20.10
N SER B 34 9.83 -31.74 19.59
CA SER B 34 11.17 -31.18 19.47
C SER B 34 11.82 -31.02 20.84
N GLY B 35 11.04 -30.61 21.84
CA GLY B 35 11.57 -30.54 23.20
C GLY B 35 11.94 -31.91 23.74
N ILE B 36 11.21 -32.95 23.36
CA ILE B 36 11.55 -34.30 23.76
C ILE B 36 12.88 -34.71 23.15
N LEU B 37 13.07 -34.44 21.86
CA LEU B 37 14.27 -34.89 21.18
C LEU B 37 15.49 -34.08 21.59
N ILE B 38 15.30 -32.83 22.03
CA ILE B 38 16.42 -32.06 22.56
C ILE B 38 16.97 -32.70 23.83
N ILE B 39 16.07 -33.13 24.72
CA ILE B 39 16.50 -33.81 25.94
C ILE B 39 17.18 -35.13 25.61
N ALA B 40 16.61 -35.89 24.67
CA ALA B 40 17.24 -37.13 24.26
C ALA B 40 18.58 -36.89 23.59
N GLN B 41 18.70 -35.74 22.92
CA GLN B 41 19.94 -35.40 22.19
C GLN B 41 21.09 -35.13 23.16
N ALA B 42 20.85 -34.37 24.24
CA ALA B 42 21.92 -34.02 25.16
C ALA B 42 22.19 -35.14 26.17
N TRP B 43 21.20 -35.97 26.47
CA TRP B 43 21.45 -37.11 27.34
C TRP B 43 22.45 -38.07 26.70
N PHE B 44 22.31 -38.31 25.40
CA PHE B 44 23.30 -39.11 24.70
C PHE B 44 24.63 -38.38 24.61
N MET B 45 24.59 -37.08 24.35
CA MET B 45 25.83 -36.31 24.24
C MET B 45 26.58 -36.29 25.57
N ALA B 46 25.86 -36.13 26.69
CA ALA B 46 26.51 -36.12 27.99
C ALA B 46 27.11 -37.47 28.32
N ARG B 47 26.40 -38.56 28.00
CA ARG B 47 26.91 -39.90 28.30
C ARG B 47 28.14 -40.22 27.48
N ILE B 48 28.13 -39.86 26.19
CA ILE B 48 29.32 -40.07 25.36
C ILE B 48 30.48 -39.24 25.88
N LEU B 49 30.23 -37.98 26.21
CA LEU B 49 31.30 -37.10 26.66
C LEU B 49 31.90 -37.58 27.97
N GLN B 50 31.08 -37.99 28.92
CA GLN B 50 31.60 -38.45 30.20
C GLN B 50 32.42 -39.72 30.04
N HIS B 51 31.96 -40.64 29.19
CA HIS B 51 32.67 -41.90 29.01
C HIS B 51 34.06 -41.66 28.43
N MET B 52 34.17 -40.77 27.43
CA MET B 52 35.47 -40.50 26.84
C MET B 52 36.35 -39.66 27.76
N ILE B 53 35.79 -38.61 28.35
CA ILE B 53 36.60 -37.67 29.12
C ILE B 53 37.05 -38.30 30.44
N MET B 54 36.11 -38.92 31.16
CA MET B 54 36.42 -39.39 32.50
C MET B 54 36.89 -40.84 32.52
N GLU B 55 36.10 -41.76 31.94
CA GLU B 55 36.42 -43.17 31.97
C GLU B 55 37.33 -43.60 30.84
N ASN B 56 37.68 -42.70 29.93
CA ASN B 56 38.60 -42.98 28.83
C ASN B 56 38.13 -44.15 27.97
N ILE B 57 36.83 -44.31 27.82
CA ILE B 57 36.28 -45.37 26.98
C ILE B 57 36.62 -45.09 25.52
N PRO B 58 37.17 -46.05 24.77
CA PRO B 58 37.47 -45.80 23.36
C PRO B 58 36.20 -45.54 22.57
N ARG B 59 36.33 -44.72 21.51
CA ARG B 59 35.19 -44.37 20.69
C ARG B 59 34.59 -45.59 20.00
N GLU B 60 35.42 -46.57 19.65
CA GLU B 60 34.93 -47.77 18.98
C GLU B 60 34.08 -48.65 19.87
N ALA B 61 34.05 -48.40 21.18
CA ALA B 61 33.15 -49.12 22.07
C ALA B 61 31.79 -48.46 22.17
N LEU B 62 31.75 -47.13 22.06
CA LEU B 62 30.50 -46.37 22.15
C LEU B 62 29.91 -46.27 20.75
N LEU B 63 29.26 -47.33 20.30
CA LEU B 63 28.55 -47.31 19.03
C LEU B 63 27.05 -47.18 19.16
N LEU B 64 26.45 -47.77 20.20
CA LEU B 64 25.03 -47.56 20.44
C LEU B 64 24.70 -46.10 20.73
N PRO B 65 25.40 -45.39 21.62
CA PRO B 65 25.06 -43.98 21.83
C PRO B 65 25.26 -43.11 20.60
N PHE B 66 26.28 -43.40 19.78
CA PHE B 66 26.48 -42.62 18.57
C PHE B 66 25.35 -42.85 17.56
N THR B 67 24.93 -44.10 17.40
CA THR B 67 23.83 -44.39 16.48
C THR B 67 22.54 -43.71 16.94
N LEU B 68 22.26 -43.75 18.24
CA LEU B 68 21.06 -43.10 18.75
C LEU B 68 21.17 -41.58 18.69
N LEU B 69 22.38 -41.05 18.92
CA LEU B 69 22.56 -39.61 18.83
C LEU B 69 22.32 -39.10 17.42
N VAL B 70 22.81 -39.84 16.41
CA VAL B 70 22.54 -39.49 15.02
C VAL B 70 21.05 -39.61 14.74
N LEU B 71 20.42 -40.68 15.24
CA LEU B 71 18.99 -40.87 15.02
C LEU B 71 18.17 -39.72 15.59
N THR B 72 18.58 -39.19 16.74
CA THR B 72 17.90 -38.03 17.30
C THR B 72 18.07 -36.81 16.40
N PHE B 73 19.28 -36.61 15.87
CA PHE B 73 19.54 -35.46 15.00
C PHE B 73 18.70 -35.52 13.73
N VAL B 74 18.56 -36.71 13.15
CA VAL B 74 17.75 -36.87 11.96
C VAL B 74 16.28 -36.58 12.28
N LEU B 75 15.80 -37.05 13.43
CA LEU B 75 14.42 -36.80 13.81
C LEU B 75 14.20 -35.37 14.23
N ARG B 76 15.22 -34.71 14.79
CA ARG B 76 15.09 -33.31 15.14
C ARG B 76 14.89 -32.45 13.89
N ALA B 77 15.65 -32.73 12.83
CA ALA B 77 15.54 -31.92 11.62
C ALA B 77 14.20 -32.15 10.92
N TRP B 78 13.67 -33.38 11.00
CA TRP B 78 12.38 -33.66 10.40
C TRP B 78 11.26 -32.91 11.09
N VAL B 79 11.25 -32.92 12.42
CA VAL B 79 10.18 -32.26 13.17
C VAL B 79 10.24 -30.75 12.97
N VAL B 80 11.45 -30.19 12.91
CA VAL B 80 11.59 -28.76 12.66
C VAL B 80 11.07 -28.41 11.27
N TRP B 81 11.32 -29.28 10.29
CA TRP B 81 10.82 -29.06 8.94
C TRP B 81 9.30 -29.13 8.91
N LEU B 82 8.71 -30.12 9.58
CA LEU B 82 7.25 -30.23 9.61
C LEU B 82 6.62 -29.06 10.33
N ARG B 83 7.16 -28.69 11.51
CA ARG B 83 6.53 -27.65 12.31
C ARG B 83 6.55 -26.30 11.61
N GLU B 84 7.61 -26.01 10.85
CA GLU B 84 7.68 -24.73 10.14
C GLU B 84 6.64 -24.66 9.03
N ARG B 85 6.42 -25.77 8.33
CA ARG B 85 5.43 -25.79 7.26
C ARG B 85 4.01 -25.87 7.79
N VAL B 86 3.81 -26.59 8.91
CA VAL B 86 2.49 -26.65 9.52
C VAL B 86 2.11 -25.29 10.07
N GLY B 87 3.06 -24.57 10.66
CA GLY B 87 2.77 -23.24 11.17
C GLY B 87 2.38 -22.26 10.08
N TYR B 88 3.07 -22.34 8.92
CA TYR B 88 2.72 -21.44 7.83
C TYR B 88 1.35 -21.76 7.25
N HIS B 89 1.04 -23.05 7.09
CA HIS B 89 -0.24 -23.43 6.50
C HIS B 89 -1.40 -22.93 7.35
N ALA B 90 -1.27 -23.01 8.67
CA ALA B 90 -2.28 -22.44 9.55
C ALA B 90 -2.34 -20.93 9.40
N GLY B 91 -1.18 -20.28 9.25
CA GLY B 91 -1.16 -18.84 9.19
C GLY B 91 -1.81 -18.26 7.94
N GLN B 92 -1.58 -18.89 6.79
CA GLN B 92 -2.12 -18.34 5.55
C GLN B 92 -3.59 -18.64 5.36
N HIS B 93 -4.11 -19.70 6.00
CA HIS B 93 -5.54 -19.95 5.92
C HIS B 93 -6.33 -18.93 6.72
N ILE B 94 -5.77 -18.49 7.86
CA ILE B 94 -6.43 -17.46 8.64
C ILE B 94 -6.32 -16.11 7.95
N ARG B 95 -5.17 -15.83 7.34
CA ARG B 95 -4.99 -14.56 6.63
C ARG B 95 -5.91 -14.49 5.42
N PHE B 96 -6.07 -15.60 4.70
CA PHE B 96 -6.98 -15.61 3.56
C PHE B 96 -8.42 -15.38 4.00
N ALA B 97 -8.83 -16.01 5.10
CA ALA B 97 -10.19 -15.82 5.60
C ALA B 97 -10.42 -14.40 6.09
N ILE B 98 -9.42 -13.82 6.75
CA ILE B 98 -9.54 -12.43 7.21
C ILE B 98 -9.66 -11.49 6.04
N ARG B 99 -8.86 -11.70 5.00
CA ARG B 99 -8.91 -10.82 3.83
C ARG B 99 -10.21 -10.99 3.07
N ARG B 100 -10.75 -12.21 3.02
CA ARG B 100 -12.03 -12.43 2.37
C ARG B 100 -13.14 -11.68 3.10
N GLN B 101 -13.07 -11.64 4.43
CA GLN B 101 -14.06 -10.89 5.20
C GLN B 101 -13.96 -9.40 4.93
N VAL B 102 -12.74 -8.86 4.84
CA VAL B 102 -12.57 -7.44 4.61
C VAL B 102 -12.99 -7.06 3.20
N LEU B 103 -12.63 -7.91 2.21
CA LEU B 103 -13.05 -7.64 0.84
C LEU B 103 -14.54 -7.84 0.66
N ASP B 104 -15.16 -8.71 1.46
CA ASP B 104 -16.61 -8.88 1.40
C ASP B 104 -17.34 -7.61 1.84
N ARG B 105 -16.84 -6.96 2.88
CA ARG B 105 -17.47 -5.74 3.38
C ARG B 105 -17.15 -4.53 2.52
N LEU B 106 -16.21 -4.63 1.59
CA LEU B 106 -15.95 -3.54 0.66
C LEU B 106 -16.87 -3.61 -0.56
N GLN B 107 -17.34 -4.81 -0.92
CA GLN B 107 -18.38 -4.91 -1.93
C GLN B 107 -19.69 -4.31 -1.42
N GLN B 108 -20.04 -4.58 -0.16
CA GLN B 108 -21.28 -4.06 0.38
C GLN B 108 -21.19 -2.58 0.71
N ALA B 109 -20.01 -2.11 1.09
CA ALA B 109 -19.88 -0.73 1.56
C ALA B 109 -20.21 0.27 0.47
N GLY B 110 -19.77 0.03 -0.75
CA GLY B 110 -20.06 0.92 -1.85
C GLY B 110 -19.09 2.09 -1.91
N PRO B 111 -19.23 2.90 -2.96
CA PRO B 111 -18.30 4.04 -3.12
C PRO B 111 -18.35 5.05 -1.99
N ALA B 112 -19.51 5.27 -1.37
CA ALA B 112 -19.61 6.30 -0.34
C ALA B 112 -18.85 5.93 0.92
N TRP B 113 -18.64 4.64 1.16
CA TRP B 113 -17.84 4.18 2.30
C TRP B 113 -16.40 3.90 1.94
N ILE B 114 -16.14 3.52 0.68
CA ILE B 114 -14.77 3.39 0.22
C ILE B 114 -14.10 4.76 0.14
N GLN B 115 -14.90 5.81 -0.02
CA GLN B 115 -14.40 7.17 -0.08
C GLN B 115 -14.06 7.71 1.31
N GLY B 116 -14.29 6.92 2.36
CA GLY B 116 -13.97 7.34 3.70
C GLY B 116 -12.50 7.23 4.05
N LYS B 117 -11.73 6.50 3.24
CA LYS B 117 -10.28 6.49 3.34
C LYS B 117 -9.67 6.73 1.97
N PRO B 118 -8.45 7.28 1.92
CA PRO B 118 -7.71 7.31 0.66
C PRO B 118 -7.47 5.90 0.14
N ALA B 119 -7.49 5.76 -1.18
CA ALA B 119 -7.36 4.44 -1.78
C ALA B 119 -6.02 3.79 -1.46
N GLY B 120 -4.99 4.58 -1.14
CA GLY B 120 -3.76 4.02 -0.65
C GLY B 120 -3.81 3.56 0.78
N SER B 121 -4.74 4.08 1.57
CA SER B 121 -4.94 3.59 2.93
C SER B 121 -5.65 2.24 2.95
N TRP B 122 -6.58 2.02 2.01
CA TRP B 122 -7.22 0.72 1.90
C TRP B 122 -6.21 -0.35 1.48
N ALA B 123 -5.30 0.00 0.56
CA ALA B 123 -4.35 -0.98 0.06
C ALA B 123 -3.41 -1.47 1.16
N THR B 124 -2.93 -0.55 2.00
CA THR B 124 -2.07 -0.94 3.10
C THR B 124 -2.83 -1.55 4.26
N LEU B 125 -4.17 -1.50 4.24
CA LEU B 125 -4.98 -2.19 5.23
C LEU B 125 -5.34 -3.60 4.79
N VAL B 126 -5.35 -3.85 3.49
CA VAL B 126 -5.65 -5.18 2.98
C VAL B 126 -4.38 -6.00 2.75
N LEU B 127 -3.29 -5.36 2.36
CA LEU B 127 -2.05 -6.09 2.13
C LEU B 127 -1.14 -6.09 3.35
N GLU B 128 -0.70 -4.90 3.79
CA GLU B 128 0.31 -4.85 4.85
C GLU B 128 -0.27 -5.21 6.20
N GLN B 129 -1.43 -4.67 6.54
CA GLN B 129 -1.97 -4.88 7.88
C GLN B 129 -2.43 -6.32 8.08
N ILE B 130 -3.06 -6.91 7.07
CA ILE B 130 -3.53 -8.29 7.19
C ILE B 130 -2.36 -9.26 7.19
N ASP B 131 -1.35 -9.00 6.35
CA ASP B 131 -0.21 -9.92 6.27
C ASP B 131 0.69 -9.87 7.49
N ASP B 132 0.58 -8.81 8.30
CA ASP B 132 1.37 -8.73 9.52
C ASP B 132 0.70 -9.39 10.71
N MET B 133 -0.46 -10.02 10.51
CA MET B 133 -1.05 -10.89 11.52
C MET B 133 -0.57 -12.32 11.39
N HIS B 134 0.27 -12.63 10.41
CA HIS B 134 0.69 -14.00 10.17
C HIS B 134 1.45 -14.58 11.35
N ASP B 135 2.47 -13.85 11.83
CA ASP B 135 3.31 -14.37 12.90
C ASP B 135 2.54 -14.56 14.20
N TYR B 136 1.44 -13.84 14.40
CA TYR B 136 0.59 -14.10 15.56
C TYR B 136 -0.02 -15.49 15.48
N TYR B 137 -0.52 -15.86 14.31
CA TYR B 137 -1.17 -17.16 14.16
C TYR B 137 -0.15 -18.27 13.91
N ALA B 138 0.83 -18.02 13.05
CA ALA B 138 1.79 -19.07 12.72
C ALA B 138 2.74 -19.35 13.87
N ARG B 139 3.16 -18.32 14.60
CA ARG B 139 4.23 -18.44 15.58
C ARG B 139 3.76 -18.26 17.01
N TYR B 140 3.07 -17.17 17.33
CA TYR B 140 2.79 -16.84 18.71
C TYR B 140 1.75 -17.77 19.32
N LEU B 141 0.71 -18.11 18.58
CA LEU B 141 -0.35 -18.95 19.15
C LEU B 141 0.16 -20.32 19.57
N PRO B 142 0.88 -21.07 18.73
CA PRO B 142 1.44 -22.35 19.23
C PRO B 142 2.49 -22.18 20.31
N GLN B 143 3.11 -20.99 20.43
CA GLN B 143 4.22 -20.82 21.34
C GLN B 143 3.79 -20.69 22.80
N MET B 144 2.54 -20.34 23.06
CA MET B 144 2.09 -20.19 24.45
C MET B 144 2.17 -21.51 25.20
N ALA B 145 1.82 -22.61 24.54
CA ALA B 145 1.90 -23.91 25.19
C ALA B 145 3.33 -24.41 25.27
N LEU B 146 4.17 -24.09 24.28
CA LEU B 146 5.55 -24.55 24.30
C LEU B 146 6.39 -23.79 25.31
N ALA B 147 6.04 -22.55 25.61
CA ALA B 147 6.80 -21.79 26.59
C ALA B 147 6.58 -22.29 28.00
N VAL B 148 5.54 -23.10 28.22
CA VAL B 148 5.28 -23.68 29.53
C VAL B 148 5.60 -25.17 29.58
N SER B 149 5.40 -25.90 28.48
CA SER B 149 5.55 -27.35 28.53
C SER B 149 7.01 -27.77 28.40
N VAL B 150 7.70 -27.30 27.35
CA VAL B 150 9.08 -27.72 27.13
C VAL B 150 10.01 -27.29 28.27
N PRO B 151 9.99 -26.04 28.74
CA PRO B 151 10.87 -25.69 29.88
C PRO B 151 10.61 -26.51 31.12
N LEU B 152 9.35 -26.82 31.42
CA LEU B 152 9.06 -27.70 32.54
C LEU B 152 9.58 -29.10 32.27
N LEU B 153 9.43 -29.58 31.03
CA LEU B 153 9.96 -30.88 30.66
C LEU B 153 11.48 -30.91 30.75
N ILE B 154 12.13 -29.78 30.46
CA ILE B 154 13.59 -29.72 30.51
C ILE B 154 14.08 -29.97 31.93
N VAL B 155 13.47 -29.31 32.92
CA VAL B 155 13.94 -29.42 34.28
C VAL B 155 13.47 -30.70 34.97
N VAL B 156 12.45 -31.37 34.45
CA VAL B 156 12.10 -32.69 34.95
C VAL B 156 13.24 -33.66 34.71
N ALA B 157 14.03 -33.43 33.67
CA ALA B 157 15.19 -34.27 33.40
C ALA B 157 16.41 -33.87 34.21
N ILE B 158 16.33 -32.79 34.99
CA ILE B 158 17.49 -32.28 35.72
C ILE B 158 17.34 -32.55 37.22
N PHE B 159 16.09 -32.62 37.69
CA PHE B 159 15.87 -32.88 39.15
C PHE B 159 16.56 -34.20 39.55
N PRO B 160 16.37 -35.31 38.80
CA PRO B 160 17.00 -36.58 39.13
C PRO B 160 18.54 -36.52 39.21
N SER B 161 19.18 -35.74 38.33
CA SER B 161 20.63 -35.65 38.29
C SER B 161 21.15 -34.66 39.33
N ASN B 162 20.61 -33.45 39.33
CA ASN B 162 21.14 -32.39 40.19
C ASN B 162 20.05 -31.34 40.37
N TRP B 163 19.53 -31.22 41.60
CA TRP B 163 18.45 -30.25 41.82
C TRP B 163 18.97 -28.82 41.84
N ALA B 164 20.22 -28.60 42.24
CA ALA B 164 20.74 -27.24 42.33
C ALA B 164 20.80 -26.59 40.97
N ALA B 165 21.14 -27.36 39.93
CA ALA B 165 21.17 -26.80 38.58
C ALA B 165 19.77 -26.40 38.12
N ALA B 166 18.76 -27.19 38.44
CA ALA B 166 17.41 -26.90 38.00
C ALA B 166 16.85 -25.66 38.69
N LEU B 167 17.15 -25.47 39.98
CA LEU B 167 16.72 -24.26 40.67
C LEU B 167 17.39 -23.01 40.10
N ILE B 168 18.54 -23.15 39.45
CA ILE B 168 19.12 -22.03 38.72
C ILE B 168 18.22 -21.68 37.54
N LEU B 169 17.71 -22.68 36.84
CA LEU B 169 16.81 -22.44 35.72
C LEU B 169 15.45 -21.94 36.22
N LEU B 170 14.89 -22.62 37.23
CA LEU B 170 13.61 -22.18 37.78
C LEU B 170 13.71 -20.85 38.50
N GLY B 171 14.88 -20.49 39.02
CA GLY B 171 15.02 -19.21 39.69
C GLY B 171 14.88 -18.04 38.74
N THR B 172 15.39 -18.19 37.52
CA THR B 172 15.34 -17.13 36.52
C THR B 172 14.09 -17.19 35.65
N ALA B 173 13.41 -18.33 35.61
CA ALA B 173 12.26 -18.48 34.73
C ALA B 173 11.16 -17.44 34.97
N PRO B 174 10.70 -17.19 36.20
CA PRO B 174 9.61 -16.21 36.37
C PRO B 174 9.98 -14.79 35.96
N LEU B 175 11.27 -14.45 35.96
CA LEU B 175 11.67 -13.08 35.61
C LEU B 175 11.37 -12.76 34.16
N ILE B 176 11.46 -13.74 33.27
CA ILE B 176 11.27 -13.47 31.84
C ILE B 176 9.86 -13.01 31.53
N PRO B 177 8.78 -13.71 31.94
CA PRO B 177 7.44 -13.17 31.67
C PRO B 177 7.18 -11.83 32.32
N LEU B 178 7.75 -11.57 33.48
CA LEU B 178 7.55 -10.28 34.14
C LEU B 178 8.14 -9.15 33.33
N PHE B 179 9.32 -9.36 32.73
CA PHE B 179 9.92 -8.36 31.87
C PHE B 179 9.41 -8.43 30.44
N MET B 180 8.91 -9.60 30.00
CA MET B 180 8.28 -9.70 28.69
C MET B 180 7.03 -8.83 28.63
N ALA B 181 6.19 -8.88 29.66
CA ALA B 181 4.99 -8.07 29.69
C ALA B 181 5.28 -6.62 30.04
N LEU B 182 6.30 -6.37 30.88
CA LEU B 182 6.59 -5.01 31.31
C LEU B 182 7.16 -4.18 30.15
N VAL B 183 8.12 -4.75 29.41
CA VAL B 183 8.72 -4.02 28.30
C VAL B 183 7.74 -3.86 27.15
N GLY B 184 7.06 -4.94 26.79
CA GLY B 184 6.19 -4.92 25.63
C GLY B 184 4.74 -4.61 25.94
N MET B 185 4.50 -3.80 26.98
CA MET B 185 3.14 -3.38 27.28
C MET B 185 2.68 -2.27 26.35
N GLY B 186 3.58 -1.38 25.95
CA GLY B 186 3.29 -0.35 24.97
C GLY B 186 3.59 -0.74 23.55
N ALA B 187 3.95 -2.00 23.30
CA ALA B 187 4.29 -2.43 21.95
C ALA B 187 3.06 -2.51 21.05
N ALA B 188 1.89 -2.79 21.62
CA ALA B 188 0.68 -2.88 20.81
C ALA B 188 0.22 -1.51 20.35
N ASP B 189 0.40 -0.48 21.18
CA ASP B 189 0.03 0.87 20.79
C ASP B 189 1.02 1.47 19.81
N ALA B 190 2.31 1.14 19.94
CA ALA B 190 3.30 1.63 18.99
C ALA B 190 3.08 1.04 17.61
N ASN B 191 2.61 -0.21 17.54
CA ASN B 191 2.31 -0.81 16.25
C ASN B 191 1.09 -0.18 15.60
N ARG B 192 0.10 0.20 16.42
CA ARG B 192 -1.09 0.86 15.88
C ARG B 192 -0.72 2.20 15.25
N ARG B 193 0.13 2.98 15.92
CA ARG B 193 0.58 4.24 15.35
C ARG B 193 1.57 4.03 14.21
N ASN B 194 2.17 2.84 14.12
CA ASN B 194 3.07 2.54 13.01
C ASN B 194 2.28 2.31 11.73
N PHE B 195 1.18 1.57 11.81
CA PHE B 195 0.34 1.36 10.64
C PHE B 195 -0.45 2.61 10.31
N LEU B 196 -0.71 3.46 11.31
CA LEU B 196 -1.33 4.75 11.05
C LEU B 196 -0.44 5.63 10.21
N ALA B 197 0.86 5.61 10.48
CA ALA B 197 1.81 6.40 9.69
C ALA B 197 2.07 5.78 8.32
N LEU B 198 1.98 4.45 8.21
CA LEU B 198 2.10 3.82 6.91
C LEU B 198 0.88 4.06 6.06
N ALA B 199 -0.31 4.05 6.67
CA ALA B 199 -1.53 4.30 5.91
C ALA B 199 -1.64 5.75 5.47
N ARG B 200 -1.03 6.67 6.21
CA ARG B 200 -1.00 8.06 5.77
C ARG B 200 -0.03 8.23 4.61
N LEU B 201 1.16 7.65 4.73
CA LEU B 201 2.15 7.77 3.66
C LEU B 201 1.67 7.08 2.39
N SER B 202 1.09 5.89 2.51
CA SER B 202 0.55 5.20 1.35
C SER B 202 -0.62 5.96 0.75
N GLY B 203 -1.51 6.48 1.59
CA GLY B 203 -2.67 7.19 1.08
C GLY B 203 -2.35 8.58 0.56
N HIS B 204 -1.37 9.24 1.16
CA HIS B 204 -0.95 10.55 0.69
C HIS B 204 -0.14 10.46 -0.60
N PHE B 205 0.56 9.34 -0.81
CA PHE B 205 1.31 9.17 -2.04
C PHE B 205 0.39 8.96 -3.23
N LEU B 206 -0.59 8.05 -3.10
CA LEU B 206 -1.45 7.72 -4.22
C LEU B 206 -2.39 8.86 -4.56
N ASP B 207 -2.73 9.71 -3.59
CA ASP B 207 -3.55 10.87 -3.89
C ASP B 207 -2.78 11.89 -4.70
N ARG B 208 -1.52 12.14 -4.34
CA ARG B 208 -0.69 13.05 -5.12
C ARG B 208 -0.42 12.48 -6.51
N LEU B 209 -0.22 11.16 -6.60
CA LEU B 209 0.01 10.54 -7.89
C LEU B 209 -1.22 10.63 -8.80
N ARG B 210 -2.41 10.42 -8.23
CA ARG B 210 -3.62 10.52 -9.03
C ARG B 210 -3.91 11.96 -9.46
N GLY B 211 -3.53 12.93 -8.64
CA GLY B 211 -3.70 14.32 -8.98
C GLY B 211 -2.37 14.94 -9.33
N MET B 212 -1.58 14.20 -10.10
CA MET B 212 -0.18 14.56 -10.27
C MET B 212 -0.05 15.69 -11.27
N GLU B 213 -1.03 15.81 -12.17
CA GLU B 213 -1.03 16.85 -13.18
C GLU B 213 -1.25 18.23 -12.59
N THR B 214 -2.19 18.36 -11.66
CA THR B 214 -2.46 19.65 -11.03
C THR B 214 -1.28 20.12 -10.18
N LEU B 215 -0.41 19.20 -9.75
CA LEU B 215 0.81 19.59 -9.07
C LEU B 215 1.85 20.12 -10.04
N ARG B 216 1.90 19.55 -11.24
CA ARG B 216 2.81 20.03 -12.27
C ARG B 216 2.43 21.42 -12.74
N ILE B 217 1.13 21.67 -12.92
CA ILE B 217 0.67 22.95 -13.46
C ILE B 217 0.96 24.09 -12.48
N PHE B 218 0.79 23.84 -11.19
CA PHE B 218 0.95 24.89 -10.19
C PHE B 218 2.36 24.94 -9.62
N GLY B 219 3.28 24.12 -10.12
CA GLY B 219 4.65 24.15 -9.65
C GLY B 219 4.83 23.75 -8.21
N ARG B 220 4.20 22.64 -7.81
CA ARG B 220 4.27 22.14 -6.45
C ARG B 220 5.29 21.01 -6.30
N GLY B 221 6.34 21.01 -7.12
CA GLY B 221 7.33 19.96 -7.02
C GLY B 221 8.10 20.00 -5.71
N GLU B 222 8.53 21.20 -5.30
CA GLU B 222 9.29 21.32 -4.06
C GLU B 222 8.40 21.12 -2.85
N ALA B 223 7.14 21.56 -2.93
CA ALA B 223 6.25 21.49 -1.78
C ALA B 223 5.76 20.08 -1.50
N GLU B 224 5.58 19.26 -2.54
CA GLU B 224 5.12 17.89 -2.32
C GLU B 224 6.24 16.98 -1.87
N ILE B 225 7.49 17.27 -2.24
CA ILE B 225 8.62 16.51 -1.72
C ILE B 225 8.74 16.73 -0.22
N GLU B 226 8.53 17.97 0.22
CA GLU B 226 8.63 18.28 1.65
C GLU B 226 7.51 17.62 2.44
N SER B 227 6.33 17.50 1.84
CA SER B 227 5.22 16.84 2.53
C SER B 227 5.41 15.33 2.57
N ILE B 228 5.95 14.75 1.49
CA ILE B 228 6.31 13.33 1.51
C ILE B 228 7.46 13.10 2.49
N ARG B 229 8.37 14.07 2.60
CA ARG B 229 9.45 13.96 3.58
C ARG B 229 8.89 13.89 4.99
N SER B 230 7.91 14.73 5.31
CA SER B 230 7.31 14.70 6.64
C SER B 230 6.52 13.41 6.87
N ALA B 231 5.75 12.98 5.87
CA ALA B 231 4.99 11.74 6.01
C ALA B 231 5.91 10.54 6.17
N SER B 232 7.00 10.50 5.41
CA SER B 232 7.94 9.39 5.51
C SER B 232 8.82 9.50 6.74
N GLU B 233 9.07 10.71 7.23
CA GLU B 233 9.83 10.88 8.46
C GLU B 233 9.06 10.33 9.66
N ASP B 234 7.75 10.55 9.69
CA ASP B 234 6.94 9.98 10.76
C ASP B 234 6.92 8.47 10.71
N PHE B 235 6.84 7.90 9.49
CA PHE B 235 6.85 6.46 9.36
C PHE B 235 8.16 5.86 9.86
N ARG B 236 9.28 6.53 9.57
CA ARG B 236 10.57 6.04 10.04
C ARG B 236 10.66 6.10 11.57
N GLN B 237 10.10 7.15 12.17
CA GLN B 237 10.18 7.27 13.62
C GLN B 237 9.22 6.30 14.31
N ARG B 238 8.05 6.06 13.72
CA ARG B 238 7.15 5.06 14.28
C ARG B 238 7.70 3.66 14.13
N THR B 239 8.36 3.38 13.01
CA THR B 239 8.97 2.06 12.81
C THR B 239 10.09 1.81 13.82
N MET B 240 10.94 2.81 14.06
CA MET B 240 12.04 2.64 14.98
C MET B 240 11.55 2.56 16.42
N GLU B 241 10.48 3.27 16.75
CA GLU B 241 9.90 3.16 18.09
C GLU B 241 9.37 1.75 18.34
N VAL B 242 8.77 1.13 17.32
CA VAL B 242 8.32 -0.25 17.43
C VAL B 242 9.50 -1.18 17.63
N LEU B 243 10.58 -0.95 16.89
CA LEU B 243 11.71 -1.87 16.91
C LEU B 243 12.51 -1.76 18.20
N ARG B 244 12.63 -0.56 18.76
CA ARG B 244 13.37 -0.40 20.00
C ARG B 244 12.74 -1.19 21.14
N LEU B 245 11.43 -1.38 21.10
CA LEU B 245 10.77 -2.21 22.11
C LEU B 245 11.01 -3.69 21.88
N ALA B 246 11.20 -4.10 20.63
CA ALA B 246 11.54 -5.49 20.34
C ALA B 246 12.98 -5.80 20.68
N PHE B 247 13.89 -4.85 20.46
CA PHE B 247 15.29 -5.07 20.79
C PHE B 247 15.53 -5.03 22.30
N LEU B 248 14.84 -4.11 22.99
CA LEU B 248 14.99 -4.03 24.44
C LEU B 248 14.45 -5.27 25.13
N SER B 249 13.28 -5.75 24.69
CA SER B 249 12.73 -6.97 25.28
C SER B 249 13.60 -8.17 24.99
N SER B 250 14.06 -8.30 23.75
CA SER B 250 14.93 -9.42 23.40
C SER B 250 16.29 -9.30 24.09
N GLY B 251 16.79 -8.08 24.26
CA GLY B 251 18.05 -7.90 24.96
C GLY B 251 17.95 -8.26 26.43
N ILE B 252 16.86 -7.86 27.08
CA ILE B 252 16.67 -8.18 28.50
C ILE B 252 16.51 -9.69 28.69
N LEU B 253 15.71 -10.32 27.85
CA LEU B 253 15.51 -11.76 27.97
C LEU B 253 16.80 -12.54 27.73
N GLU B 254 17.61 -12.08 26.76
CA GLU B 254 18.90 -12.72 26.53
C GLU B 254 19.85 -12.51 27.70
N PHE B 255 19.72 -11.37 28.39
CA PHE B 255 20.57 -11.11 29.55
C PHE B 255 20.36 -12.16 30.64
N PHE B 256 19.10 -12.48 30.93
CA PHE B 256 18.80 -13.50 31.94
C PHE B 256 19.16 -14.88 31.44
N THR B 257 18.97 -15.14 30.14
CA THR B 257 19.37 -16.41 29.57
C THR B 257 20.88 -16.62 29.67
N SER B 258 21.65 -15.60 29.35
CA SER B 258 23.11 -15.73 29.35
C SER B 258 23.65 -15.91 30.76
N LEU B 259 23.12 -15.16 31.73
CA LEU B 259 23.60 -15.27 33.10
C LEU B 259 23.31 -16.64 33.69
N SER B 260 22.14 -17.21 33.40
CA SER B 260 21.81 -18.52 33.93
C SER B 260 22.67 -19.62 33.30
N ILE B 261 23.05 -19.47 32.04
CA ILE B 261 24.01 -20.39 31.45
C ILE B 261 25.38 -20.23 32.10
N ALA B 262 25.72 -18.99 32.48
CA ALA B 262 26.97 -18.77 33.20
C ALA B 262 26.90 -19.33 34.61
N LEU B 263 25.78 -19.12 35.30
CA LEU B 263 25.64 -19.64 36.67
C LEU B 263 25.68 -21.16 36.68
N VAL B 264 25.06 -21.80 35.69
CA VAL B 264 25.11 -23.26 35.61
C VAL B 264 26.55 -23.73 35.42
N ALA B 265 27.28 -23.07 34.52
CA ALA B 265 28.68 -23.45 34.31
C ALA B 265 29.52 -23.20 35.55
N VAL B 266 29.33 -22.05 36.20
CA VAL B 266 30.11 -21.73 37.39
C VAL B 266 29.79 -22.71 38.51
N TYR B 267 28.51 -23.02 38.71
CA TYR B 267 28.13 -23.93 39.79
C TYR B 267 28.76 -25.30 39.62
N PHE B 268 28.74 -25.84 38.39
CA PHE B 268 29.26 -27.18 38.18
C PHE B 268 30.78 -27.20 38.23
N GLY B 269 31.43 -26.19 37.64
CA GLY B 269 32.88 -26.12 37.71
C GLY B 269 33.39 -26.02 39.13
N PHE B 270 32.71 -25.23 39.96
CA PHE B 270 33.09 -25.14 41.37
C PHE B 270 32.76 -26.42 42.10
N SER B 271 31.66 -27.08 41.72
CA SER B 271 31.25 -28.30 42.41
C SER B 271 32.22 -29.44 42.17
N TYR B 272 32.77 -29.53 40.96
CA TYR B 272 33.73 -30.60 40.67
C TYR B 272 35.01 -30.43 41.49
N LEU B 273 35.45 -29.19 41.69
CA LEU B 273 36.63 -28.91 42.49
C LEU B 273 36.39 -29.05 43.98
N GLY B 274 35.13 -29.10 44.41
CA GLY B 274 34.83 -29.08 45.83
C GLY B 274 34.74 -27.70 46.44
N GLU B 275 34.79 -26.64 45.62
CA GLU B 275 34.66 -25.29 46.15
C GLU B 275 33.32 -25.10 46.86
N LEU B 276 32.24 -25.56 46.24
CA LEU B 276 30.92 -25.59 46.87
C LEU B 276 30.30 -26.94 46.58
N ASP B 277 29.67 -27.53 47.59
CA ASP B 277 29.15 -28.90 47.50
C ASP B 277 27.73 -28.96 48.06
N PHE B 278 26.74 -28.74 47.19
CA PHE B 278 25.34 -28.91 47.56
C PHE B 278 24.56 -29.23 46.30
N GLY B 279 23.35 -29.75 46.51
CA GLY B 279 22.48 -30.08 45.39
C GLY B 279 22.97 -31.22 44.52
N HIS B 280 23.44 -32.32 45.13
CA HIS B 280 23.92 -33.47 44.37
C HIS B 280 23.49 -34.80 44.95
N TYR B 281 22.50 -34.84 45.83
CA TYR B 281 21.92 -36.08 46.35
C TYR B 281 23.01 -36.99 46.94
N ASP B 282 23.81 -36.41 47.83
CA ASP B 282 24.89 -37.09 48.59
C ASP B 282 25.65 -38.11 47.73
N THR B 283 25.84 -37.77 46.46
CA THR B 283 26.65 -38.56 45.54
C THR B 283 27.53 -37.61 44.75
N GLY B 284 28.74 -38.06 44.44
CA GLY B 284 29.68 -37.24 43.70
C GLY B 284 29.12 -36.74 42.39
N VAL B 285 29.29 -35.45 42.12
CA VAL B 285 28.73 -34.86 40.91
C VAL B 285 29.41 -35.47 39.70
N THR B 286 28.64 -36.11 38.84
CA THR B 286 29.16 -36.73 37.63
C THR B 286 29.30 -35.70 36.53
N LEU B 287 30.20 -35.99 35.59
CA LEU B 287 30.38 -35.10 34.45
C LEU B 287 29.16 -35.08 33.54
N ALA B 288 28.49 -36.23 33.38
CA ALA B 288 27.31 -36.28 32.52
C ALA B 288 26.18 -35.41 33.08
N ALA B 289 26.10 -35.26 34.40
CA ALA B 289 25.11 -34.36 34.97
C ALA B 289 25.39 -32.91 34.61
N GLY B 290 26.66 -32.51 34.64
CA GLY B 290 27.01 -31.15 34.29
C GLY B 290 26.76 -30.84 32.82
N PHE B 291 27.15 -31.75 31.94
CA PHE B 291 26.94 -31.53 30.51
C PHE B 291 25.46 -31.49 30.16
N LEU B 292 24.67 -32.38 30.75
CA LEU B 292 23.23 -32.36 30.52
C LEU B 292 22.63 -31.04 30.97
N ALA B 293 23.00 -30.56 32.16
CA ALA B 293 22.49 -29.29 32.64
C ALA B 293 23.10 -28.10 31.93
N LEU B 294 24.11 -28.30 31.09
CA LEU B 294 24.72 -27.23 30.32
C LEU B 294 24.21 -27.16 28.90
N ILE B 295 23.97 -28.30 28.25
CA ILE B 295 23.40 -28.29 26.91
C ILE B 295 21.94 -27.84 26.96
N LEU B 296 21.20 -28.26 27.98
CA LEU B 296 19.81 -27.86 28.13
C LEU B 296 19.65 -26.47 28.74
N ALA B 297 20.73 -25.85 29.22
CA ALA B 297 20.61 -24.49 29.72
C ALA B 297 20.17 -23.50 28.64
N PRO B 298 20.77 -23.47 27.43
CA PRO B 298 20.19 -22.62 26.38
C PRO B 298 18.81 -23.07 25.93
N GLU B 299 18.56 -24.38 25.90
CA GLU B 299 17.29 -24.90 25.41
C GLU B 299 16.15 -24.70 26.40
N PHE B 300 16.46 -24.53 27.69
CA PHE B 300 15.41 -24.20 28.63
C PHE B 300 14.84 -22.81 28.37
N PHE B 301 15.69 -21.85 28.04
CA PHE B 301 15.27 -20.48 27.80
C PHE B 301 14.93 -20.20 26.34
N GLN B 302 15.16 -21.18 25.45
CA GLN B 302 14.82 -20.97 24.03
C GLN B 302 13.32 -20.68 23.92
N PRO B 303 12.44 -21.62 24.33
CA PRO B 303 10.99 -21.39 24.26
C PRO B 303 10.54 -20.09 24.93
N LEU B 304 11.25 -19.62 25.95
CA LEU B 304 10.89 -18.36 26.60
C LEU B 304 11.36 -17.17 25.78
N ARG B 305 12.52 -17.27 25.14
CA ARG B 305 12.99 -16.19 24.28
C ARG B 305 12.19 -16.13 22.99
N ASP B 306 11.71 -17.27 22.51
CA ASP B 306 10.82 -17.26 21.35
C ASP B 306 9.46 -16.69 21.71
N LEU B 307 8.98 -16.94 22.93
CA LEU B 307 7.74 -16.32 23.37
C LEU B 307 7.90 -14.80 23.44
N GLY B 308 9.06 -14.32 23.89
CA GLY B 308 9.30 -12.90 23.88
C GLY B 308 9.41 -12.32 22.49
N THR B 309 10.03 -13.07 21.57
CA THR B 309 10.11 -12.64 20.18
C THR B 309 8.73 -12.58 19.56
N PHE B 310 7.92 -13.61 19.79
CA PHE B 310 6.58 -13.68 19.20
C PHE B 310 5.56 -12.87 19.98
N TYR B 311 5.87 -12.46 21.21
CA TYR B 311 4.97 -11.57 21.94
C TYR B 311 4.87 -10.21 21.26
N HIS B 312 5.91 -9.82 20.53
CA HIS B 312 5.88 -8.59 19.75
C HIS B 312 5.32 -8.81 18.36
N ALA B 313 5.15 -10.05 17.93
CA ALA B 313 4.30 -10.35 16.78
C ALA B 313 2.84 -10.24 17.14
N LYS B 314 2.49 -10.60 18.37
CA LYS B 314 1.13 -10.39 18.86
C LYS B 314 0.79 -8.91 18.95
N ALA B 315 1.74 -8.10 19.42
CA ALA B 315 1.53 -6.66 19.44
C ALA B 315 1.44 -6.09 18.03
N GLN B 316 2.18 -6.69 17.09
CA GLN B 316 2.05 -6.30 15.69
C GLN B 316 0.67 -6.61 15.15
N ALA B 317 0.11 -7.77 15.54
CA ALA B 317 -1.23 -8.14 15.08
C ALA B 317 -2.31 -7.30 15.75
N VAL B 318 -2.12 -6.97 17.04
CA VAL B 318 -3.12 -6.16 17.73
C VAL B 318 -3.16 -4.75 17.15
N GLY B 319 -1.99 -4.17 16.87
CA GLY B 319 -1.95 -2.88 16.21
C GLY B 319 -2.51 -2.92 14.80
N ALA B 320 -2.29 -4.03 14.09
CA ALA B 320 -2.83 -4.16 12.75
C ALA B 320 -4.33 -4.38 12.75
N ALA B 321 -4.87 -4.99 13.81
CA ALA B 321 -6.30 -5.27 13.88
C ALA B 321 -7.12 -4.09 14.38
N ASP B 322 -6.47 -3.03 14.88
CA ASP B 322 -7.21 -1.89 15.39
C ASP B 322 -8.02 -1.22 14.28
N SER B 323 -7.46 -1.14 13.08
CA SER B 323 -8.14 -0.49 11.97
C SER B 323 -9.07 -1.42 11.21
N LEU B 324 -8.81 -2.73 11.22
CA LEU B 324 -9.75 -3.66 10.61
C LEU B 324 -11.01 -3.79 11.45
N LYS B 325 -10.88 -3.85 12.77
CA LYS B 325 -12.06 -3.91 13.62
C LYS B 325 -12.93 -2.68 13.46
N THR B 326 -12.30 -1.50 13.38
CA THR B 326 -13.08 -0.28 13.20
C THR B 326 -13.89 -0.33 11.93
N PHE B 327 -13.29 -0.82 10.84
CA PHE B 327 -14.02 -0.95 9.58
C PHE B 327 -15.17 -1.96 9.70
N MET B 328 -14.89 -3.13 10.27
CA MET B 328 -15.89 -4.18 10.37
C MET B 328 -16.98 -3.88 11.39
N GLU B 329 -16.83 -2.84 12.20
CA GLU B 329 -17.88 -2.47 13.15
C GLU B 329 -18.78 -1.35 12.63
N THR B 330 -18.25 -0.43 11.84
CA THR B 330 -19.05 0.69 11.37
C THR B 330 -20.21 0.19 10.52
N PRO B 331 -21.44 0.57 10.83
CA PRO B 331 -22.57 0.11 10.03
C PRO B 331 -22.52 0.68 8.62
N LEU B 332 -23.04 -0.09 7.67
CA LEU B 332 -23.00 0.26 6.26
C LEU B 332 -24.18 1.18 5.94
N ALA B 333 -24.45 1.37 4.65
CA ALA B 333 -25.53 2.27 4.25
C ALA B 333 -26.87 1.79 4.79
N HIS B 334 -27.13 0.49 4.72
CA HIS B 334 -28.34 -0.06 5.29
C HIS B 334 -27.99 -0.99 6.43
N PRO B 335 -28.57 -0.79 7.62
CA PRO B 335 -28.16 -1.61 8.78
C PRO B 335 -28.32 -3.10 8.56
N GLN B 336 -29.36 -3.52 7.85
CA GLN B 336 -29.59 -4.91 7.53
C GLN B 336 -29.59 -5.10 6.02
N ARG B 337 -28.75 -5.99 5.53
CA ARG B 337 -28.74 -6.29 4.10
C ARG B 337 -30.07 -6.88 3.69
N GLY B 338 -30.63 -6.34 2.61
CA GLY B 338 -31.97 -6.74 2.21
C GLY B 338 -32.01 -8.08 1.50
N GLU B 339 -33.10 -8.81 1.73
CA GLU B 339 -33.36 -10.04 1.02
C GLU B 339 -34.54 -9.94 0.06
N ALA B 340 -35.42 -8.96 0.25
CA ALA B 340 -36.56 -8.79 -0.64
C ALA B 340 -36.07 -8.41 -2.04
N GLU B 341 -36.79 -8.88 -3.04
CA GLU B 341 -36.48 -8.54 -4.43
C GLU B 341 -37.77 -8.44 -5.21
N LEU B 342 -37.84 -7.46 -6.10
CA LEU B 342 -39.01 -7.25 -6.94
C LEU B 342 -38.92 -8.13 -8.18
N ALA B 343 -40.03 -8.80 -8.52
CA ALA B 343 -39.98 -9.88 -9.49
C ALA B 343 -39.84 -9.36 -10.91
N SER B 344 -40.80 -8.57 -11.39
CA SER B 344 -40.85 -8.20 -12.79
C SER B 344 -39.70 -7.27 -13.17
N THR B 345 -39.31 -7.32 -14.43
CA THR B 345 -38.33 -6.39 -15.00
C THR B 345 -39.00 -5.18 -15.62
N ASP B 346 -40.29 -4.98 -15.37
CA ASP B 346 -41.01 -3.83 -15.88
C ASP B 346 -40.52 -2.56 -15.20
N PRO B 347 -40.76 -1.39 -15.80
CA PRO B 347 -40.34 -0.14 -15.16
C PRO B 347 -40.94 0.00 -13.77
N VAL B 348 -40.12 0.49 -12.85
CA VAL B 348 -40.49 0.58 -11.44
C VAL B 348 -41.09 1.95 -11.16
N THR B 349 -41.81 2.05 -10.04
CA THR B 349 -42.38 3.30 -9.58
C THR B 349 -41.60 3.78 -8.36
N ILE B 350 -41.08 5.00 -8.43
CA ILE B 350 -40.30 5.58 -7.34
C ILE B 350 -41.23 6.41 -6.47
N GLU B 351 -41.03 6.33 -5.16
CA GLU B 351 -41.83 7.10 -4.22
C GLU B 351 -40.97 7.49 -3.04
N ALA B 352 -41.14 8.73 -2.57
CA ALA B 352 -40.40 9.25 -1.42
C ALA B 352 -41.35 10.02 -0.52
N GLU B 353 -41.21 9.80 0.79
CA GLU B 353 -42.02 10.50 1.78
C GLU B 353 -41.08 10.95 2.90
N GLU B 354 -40.89 12.26 3.02
CA GLU B 354 -40.00 12.83 4.02
C GLU B 354 -38.61 12.21 3.94
N LEU B 355 -38.15 12.02 2.71
CA LEU B 355 -36.89 11.31 2.47
C LEU B 355 -35.71 12.22 2.75
N PHE B 356 -34.89 11.85 3.72
CA PHE B 356 -33.63 12.53 4.01
C PHE B 356 -32.49 11.62 3.59
N ILE B 357 -31.53 12.18 2.85
CA ILE B 357 -30.35 11.44 2.42
C ILE B 357 -29.16 12.00 3.19
N THR B 358 -28.39 11.11 3.81
CA THR B 358 -27.29 11.50 4.68
C THR B 358 -25.97 10.91 4.20
N SER B 359 -24.90 11.62 4.49
CA SER B 359 -23.55 11.15 4.22
C SER B 359 -23.16 10.09 5.23
N PRO B 360 -22.11 9.31 4.95
CA PRO B 360 -21.66 8.32 5.95
C PRO B 360 -21.30 8.94 7.28
N GLU B 361 -20.78 10.17 7.29
CA GLU B 361 -20.50 10.84 8.56
C GLU B 361 -21.79 11.09 9.34
N GLY B 362 -22.85 11.50 8.66
CA GLY B 362 -24.10 11.81 9.32
C GLY B 362 -24.74 13.07 8.80
N LYS B 363 -24.01 13.82 7.98
CA LYS B 363 -24.53 15.05 7.41
C LYS B 363 -25.57 14.75 6.35
N THR B 364 -26.72 15.44 6.42
CA THR B 364 -27.77 15.26 5.43
C THR B 364 -27.39 16.02 4.15
N LEU B 365 -27.52 15.34 3.03
CA LEU B 365 -27.19 15.92 1.72
C LEU B 365 -28.41 16.41 0.97
N ALA B 366 -29.58 15.84 1.25
CA ALA B 366 -30.83 16.27 0.63
C ALA B 366 -31.89 16.36 1.70
N GLY B 367 -32.61 17.48 1.75
CA GLY B 367 -33.65 17.69 2.73
C GLY B 367 -34.85 16.82 2.48
N PRO B 368 -35.98 17.15 3.10
CA PRO B 368 -37.17 16.30 2.95
C PRO B 368 -37.67 16.26 1.52
N LEU B 369 -37.57 15.10 0.88
CA LEU B 369 -37.93 14.92 -0.51
C LEU B 369 -39.24 14.16 -0.59
N ASN B 370 -40.29 14.83 -1.05
CA ASN B 370 -41.59 14.19 -1.30
C ASN B 370 -41.83 14.24 -2.80
N PHE B 371 -41.87 13.06 -3.43
CA PHE B 371 -42.14 12.99 -4.85
C PHE B 371 -42.68 11.61 -5.19
N THR B 372 -43.28 11.51 -6.38
CA THR B 372 -43.68 10.23 -6.94
C THR B 372 -43.35 10.21 -8.41
N LEU B 373 -43.00 9.03 -8.92
CA LEU B 373 -42.63 8.85 -10.32
C LEU B 373 -43.24 7.54 -10.79
N PRO B 374 -44.36 7.59 -11.52
CA PRO B 374 -45.03 6.36 -11.93
C PRO B 374 -44.16 5.52 -12.86
N ALA B 375 -44.59 4.28 -13.08
CA ALA B 375 -43.85 3.37 -13.92
C ALA B 375 -43.79 3.87 -15.35
N GLY B 376 -42.58 3.91 -15.90
CA GLY B 376 -42.38 4.30 -17.28
C GLY B 376 -42.26 5.78 -17.52
N GLN B 377 -42.61 6.61 -16.55
CA GLN B 377 -42.47 8.05 -16.72
C GLN B 377 -41.04 8.48 -16.46
N ARG B 378 -40.66 9.61 -17.05
CA ARG B 378 -39.31 10.14 -16.93
C ARG B 378 -39.35 11.52 -16.29
N ALA B 379 -38.44 11.75 -15.35
CA ALA B 379 -38.36 13.01 -14.62
C ALA B 379 -37.01 13.67 -14.89
N VAL B 380 -36.95 14.96 -14.60
CA VAL B 380 -35.73 15.75 -14.79
C VAL B 380 -35.39 16.45 -13.48
N LEU B 381 -34.15 16.31 -13.04
CA LEU B 381 -33.66 17.01 -11.86
C LEU B 381 -32.89 18.24 -12.31
N VAL B 382 -33.30 19.39 -11.79
CA VAL B 382 -32.74 20.68 -12.20
C VAL B 382 -32.55 21.52 -10.95
N GLY B 383 -31.44 22.23 -10.88
CA GLY B 383 -31.19 23.10 -9.74
C GLY B 383 -29.77 23.61 -9.73
N ARG B 384 -29.49 24.39 -8.70
CA ARG B 384 -28.16 24.96 -8.52
C ARG B 384 -27.15 23.88 -8.13
N SER B 385 -25.88 24.23 -8.19
CA SER B 385 -24.83 23.31 -7.78
C SER B 385 -24.86 23.14 -6.26
N GLY B 386 -24.69 21.91 -5.81
CA GLY B 386 -24.76 21.61 -4.40
C GLY B 386 -26.15 21.44 -3.86
N SER B 387 -27.17 21.39 -4.72
CA SER B 387 -28.54 21.30 -4.25
C SER B 387 -28.94 19.89 -3.84
N GLY B 388 -28.17 18.88 -4.19
CA GLY B 388 -28.47 17.51 -3.83
C GLY B 388 -28.99 16.63 -4.95
N LYS B 389 -28.87 17.06 -6.20
CA LYS B 389 -29.41 16.29 -7.32
C LYS B 389 -28.69 14.96 -7.47
N SER B 390 -27.36 14.97 -7.41
CA SER B 390 -26.61 13.72 -7.54
C SER B 390 -26.71 12.88 -6.28
N SER B 391 -26.95 13.50 -5.13
CA SER B 391 -27.13 12.73 -3.90
C SER B 391 -28.39 11.90 -3.96
N LEU B 392 -29.45 12.42 -4.58
CA LEU B 392 -30.67 11.64 -4.75
C LEU B 392 -30.42 10.44 -5.66
N LEU B 393 -29.67 10.62 -6.74
CA LEU B 393 -29.36 9.51 -7.63
C LEU B 393 -28.44 8.50 -6.98
N ASN B 394 -27.62 8.94 -6.03
CA ASN B 394 -26.78 8.00 -5.29
C ASN B 394 -27.59 7.18 -4.31
N ALA B 395 -28.64 7.77 -3.72
CA ALA B 395 -29.50 7.01 -2.82
C ALA B 395 -30.36 6.00 -3.57
N LEU B 396 -30.79 6.33 -4.79
CA LEU B 396 -31.52 5.36 -5.60
C LEU B 396 -30.61 4.21 -6.02
N SER B 397 -29.32 4.48 -6.17
CA SER B 397 -28.34 3.44 -6.48
C SER B 397 -28.01 2.57 -5.28
N GLY B 398 -28.45 2.96 -4.08
CA GLY B 398 -28.11 2.23 -2.87
C GLY B 398 -26.80 2.60 -2.24
N PHE B 399 -26.17 3.68 -2.69
CA PHE B 399 -24.85 4.06 -2.18
C PHE B 399 -24.90 4.84 -0.88
N LEU B 400 -26.06 5.39 -0.52
CA LEU B 400 -26.17 6.28 0.62
C LEU B 400 -27.33 5.86 1.51
N SER B 401 -27.17 6.10 2.81
CA SER B 401 -28.23 5.83 3.76
C SER B 401 -29.27 6.93 3.73
N TYR B 402 -30.53 6.55 3.96
CA TYR B 402 -31.63 7.51 3.98
C TYR B 402 -32.49 7.25 5.20
N GLN B 403 -33.00 8.33 5.80
CA GLN B 403 -33.77 8.21 7.03
C GLN B 403 -35.25 7.96 6.73
N GLY B 404 -35.81 8.67 5.76
CA GLY B 404 -37.24 8.63 5.51
C GLY B 404 -37.65 7.37 4.78
N SER B 405 -38.62 7.54 3.88
CA SER B 405 -39.16 6.44 3.10
C SER B 405 -38.84 6.65 1.63
N LEU B 406 -38.29 5.61 1.00
CA LEU B 406 -37.97 5.62 -0.43
C LEU B 406 -38.35 4.24 -0.96
N ARG B 407 -39.53 4.12 -1.55
CA ARG B 407 -40.11 2.84 -1.90
C ARG B 407 -40.03 2.62 -3.40
N ILE B 408 -39.50 1.48 -3.80
CA ILE B 408 -39.40 1.08 -5.20
C ILE B 408 -40.49 0.05 -5.45
N ASN B 409 -41.47 0.39 -6.29
CA ASN B 409 -42.61 -0.47 -6.56
C ASN B 409 -43.36 -0.84 -5.28
N GLY B 410 -43.40 0.09 -4.32
CA GLY B 410 -44.02 -0.16 -3.03
C GLY B 410 -43.15 -0.90 -2.04
N ILE B 411 -41.92 -1.25 -2.41
CA ILE B 411 -40.99 -1.96 -1.54
C ILE B 411 -39.90 -0.99 -1.12
N GLU B 412 -39.64 -0.93 0.19
CA GLU B 412 -38.62 -0.03 0.69
C GLU B 412 -37.25 -0.39 0.11
N LEU B 413 -36.48 0.63 -0.26
CA LEU B 413 -35.21 0.39 -0.93
C LEU B 413 -34.21 -0.25 0.01
N ARG B 414 -34.25 0.10 1.29
CA ARG B 414 -33.36 -0.52 2.27
C ARG B 414 -33.60 -2.02 2.38
N ASP B 415 -34.78 -2.50 2.01
CA ASP B 415 -35.11 -3.91 2.08
C ASP B 415 -34.79 -4.68 0.81
N LEU B 416 -34.54 -3.99 -0.30
CA LEU B 416 -34.28 -4.67 -1.56
C LEU B 416 -32.93 -5.37 -1.52
N SER B 417 -32.86 -6.51 -2.18
CA SER B 417 -31.60 -7.24 -2.30
C SER B 417 -30.65 -6.44 -3.17
N PRO B 418 -29.56 -5.88 -2.62
CA PRO B 418 -28.72 -4.98 -3.41
C PRO B 418 -28.16 -5.60 -4.68
N GLU B 419 -27.75 -6.87 -4.63
CA GLU B 419 -27.20 -7.50 -5.82
C GLU B 419 -28.24 -7.63 -6.92
N SER B 420 -29.48 -7.99 -6.55
CA SER B 420 -30.54 -8.10 -7.55
C SER B 420 -31.16 -6.76 -7.89
N TRP B 421 -30.92 -5.72 -7.09
CA TRP B 421 -31.47 -4.40 -7.41
C TRP B 421 -30.66 -3.73 -8.50
N ARG B 422 -29.33 -3.88 -8.48
CA ARG B 422 -28.50 -3.23 -9.49
C ARG B 422 -28.70 -3.83 -10.88
N LYS B 423 -29.32 -5.01 -10.96
CA LYS B 423 -29.63 -5.58 -12.26
C LYS B 423 -30.74 -4.84 -12.98
N HIS B 424 -31.51 -4.04 -12.24
CA HIS B 424 -32.57 -3.22 -12.80
C HIS B 424 -32.14 -1.77 -12.96
N LEU B 425 -30.85 -1.50 -12.85
CA LEU B 425 -30.32 -0.14 -12.91
C LEU B 425 -29.26 -0.03 -14.02
N SER B 426 -29.40 1.00 -14.83
CA SER B 426 -28.32 1.50 -15.67
C SER B 426 -28.20 2.99 -15.41
N TRP B 427 -27.04 3.57 -15.72
CA TRP B 427 -26.81 4.93 -15.27
C TRP B 427 -25.57 5.51 -15.94
N VAL B 428 -25.60 6.83 -16.10
CA VAL B 428 -24.43 7.62 -16.49
C VAL B 428 -24.18 8.58 -15.35
N GLY B 429 -23.01 8.48 -14.71
CA GLY B 429 -22.74 9.28 -13.54
C GLY B 429 -22.02 10.57 -13.88
N GLN B 430 -22.03 11.48 -12.90
CA GLN B 430 -21.26 12.71 -13.07
C GLN B 430 -19.78 12.40 -12.93
N ASN B 431 -18.99 12.92 -13.88
CA ASN B 431 -17.60 12.56 -14.03
C ASN B 431 -17.43 11.05 -14.12
N PRO B 432 -17.96 10.41 -15.17
CA PRO B 432 -17.96 8.95 -15.22
C PRO B 432 -16.56 8.40 -15.38
N GLN B 433 -16.35 7.23 -14.77
CA GLN B 433 -15.03 6.56 -14.81
C GLN B 433 -15.15 5.28 -15.64
N LEU B 434 -14.04 4.87 -16.25
CA LEU B 434 -13.96 3.66 -17.07
C LEU B 434 -13.04 2.66 -16.37
N PRO B 435 -13.61 1.69 -15.65
CA PRO B 435 -12.75 0.77 -14.89
C PRO B 435 -12.02 -0.25 -15.74
N ALA B 436 -12.65 -0.76 -16.79
CA ALA B 436 -12.12 -1.89 -17.51
C ALA B 436 -10.89 -1.49 -18.33
N ALA B 437 -10.17 -2.51 -18.80
CA ALA B 437 -8.87 -2.28 -19.42
C ALA B 437 -8.99 -1.58 -20.77
N THR B 438 -9.87 -2.08 -21.63
CA THR B 438 -10.00 -1.58 -22.99
C THR B 438 -11.30 -0.81 -23.17
N LEU B 439 -11.52 -0.33 -24.39
CA LEU B 439 -12.78 0.35 -24.69
C LEU B 439 -13.91 -0.65 -24.87
N ARG B 440 -13.61 -1.83 -25.43
CA ARG B 440 -14.63 -2.85 -25.59
C ARG B 440 -14.97 -3.49 -24.25
N ASP B 441 -13.98 -3.69 -23.39
CA ASP B 441 -14.23 -4.22 -22.06
C ASP B 441 -15.03 -3.25 -21.21
N ASN B 442 -14.98 -1.96 -21.55
CA ASN B 442 -15.72 -0.96 -20.80
C ASN B 442 -17.17 -0.88 -21.25
N VAL B 443 -17.40 -0.89 -22.57
CA VAL B 443 -18.76 -0.84 -23.10
C VAL B 443 -19.51 -2.11 -22.72
N LEU B 444 -18.82 -3.24 -22.70
CA LEU B 444 -19.42 -4.53 -22.35
C LEU B 444 -19.31 -4.83 -20.86
N LEU B 445 -19.28 -3.80 -20.02
CA LEU B 445 -19.14 -4.02 -18.58
C LEU B 445 -20.35 -4.77 -18.02
N ALA B 446 -21.55 -4.43 -18.48
CA ALA B 446 -22.75 -5.06 -17.94
C ALA B 446 -22.81 -6.53 -18.29
N ARG B 447 -22.62 -6.88 -19.56
CA ARG B 447 -22.55 -8.28 -20.00
C ARG B 447 -21.42 -8.43 -21.00
N PRO B 448 -20.28 -8.99 -20.59
CA PRO B 448 -19.13 -9.08 -21.49
C PRO B 448 -19.32 -10.08 -22.62
N ASP B 449 -20.39 -10.86 -22.63
CA ASP B 449 -20.63 -11.86 -23.67
C ASP B 449 -21.72 -11.42 -24.64
N ALA B 450 -21.90 -10.12 -24.82
CA ALA B 450 -22.90 -9.60 -25.74
C ALA B 450 -22.46 -9.86 -27.18
N SER B 451 -23.44 -9.91 -28.07
CA SER B 451 -23.16 -10.20 -29.46
C SER B 451 -22.52 -9.00 -30.14
N GLU B 452 -21.96 -9.24 -31.33
CA GLU B 452 -21.31 -8.18 -32.08
C GLU B 452 -22.32 -7.13 -32.52
N GLN B 453 -23.53 -7.56 -32.91
CA GLN B 453 -24.56 -6.61 -33.32
C GLN B 453 -24.96 -5.70 -32.16
N GLU B 454 -25.10 -6.27 -30.96
CA GLU B 454 -25.53 -5.46 -29.82
C GLU B 454 -24.43 -4.54 -29.33
N LEU B 455 -23.17 -4.93 -29.51
CA LEU B 455 -22.06 -4.03 -29.18
C LEU B 455 -21.99 -2.89 -30.20
N GLN B 456 -22.15 -3.23 -31.48
CA GLN B 456 -22.10 -2.22 -32.57
C GLN B 456 -23.27 -1.25 -32.41
N ALA B 457 -24.44 -1.76 -32.01
CA ALA B 457 -25.62 -0.91 -31.86
C ALA B 457 -25.42 0.11 -30.75
N ALA B 458 -24.78 -0.29 -29.65
CA ALA B 458 -24.52 0.65 -28.57
C ALA B 458 -23.51 1.70 -28.98
N LEU B 459 -22.47 1.29 -29.70
CA LEU B 459 -21.45 2.23 -30.15
C LEU B 459 -22.01 3.22 -31.17
N ASP B 460 -22.98 2.78 -31.97
CA ASP B 460 -23.59 3.69 -32.94
C ASP B 460 -24.53 4.68 -32.26
N ASN B 461 -25.33 4.20 -31.30
CA ASN B 461 -26.25 5.08 -30.60
C ASN B 461 -25.53 6.14 -29.80
N ALA B 462 -24.47 5.75 -29.09
CA ALA B 462 -23.75 6.65 -28.21
C ALA B 462 -22.74 7.52 -28.94
N TRP B 463 -22.71 7.45 -30.27
CA TRP B 463 -21.79 8.22 -31.10
C TRP B 463 -20.33 7.84 -30.87
N VAL B 464 -20.10 6.71 -30.22
CA VAL B 464 -18.73 6.25 -29.96
C VAL B 464 -18.06 5.83 -31.25
N SER B 465 -18.80 5.20 -32.16
CA SER B 465 -18.22 4.57 -33.34
C SER B 465 -17.59 5.55 -34.32
N GLU B 466 -17.82 6.85 -34.17
CA GLU B 466 -17.27 7.79 -35.13
C GLU B 466 -15.79 8.08 -34.88
N PHE B 467 -15.34 8.06 -33.62
CA PHE B 467 -13.95 8.31 -33.32
C PHE B 467 -13.13 7.03 -33.19
N LEU B 468 -13.74 5.88 -33.45
CA LEU B 468 -12.98 4.63 -33.45
C LEU B 468 -11.87 4.58 -34.48
N PRO B 469 -12.04 5.08 -35.72
CA PRO B 469 -10.91 5.04 -36.67
C PRO B 469 -9.66 5.72 -36.15
N LEU B 470 -9.79 6.79 -35.36
CA LEU B 470 -8.62 7.45 -34.81
C LEU B 470 -7.86 6.55 -33.84
N LEU B 471 -8.54 5.62 -33.18
CA LEU B 471 -7.89 4.74 -32.24
C LEU B 471 -7.04 3.71 -32.98
N PRO B 472 -5.84 3.38 -32.46
CA PRO B 472 -4.95 2.46 -33.18
C PRO B 472 -5.49 1.05 -33.32
N GLN B 473 -5.85 0.40 -32.20
CA GLN B 473 -6.38 -0.95 -32.23
C GLN B 473 -7.88 -1.00 -32.51
N GLY B 474 -8.53 0.16 -32.64
CA GLY B 474 -9.96 0.18 -32.85
C GLY B 474 -10.72 0.17 -31.54
N VAL B 475 -11.75 -0.67 -31.45
CA VAL B 475 -12.52 -0.78 -30.22
C VAL B 475 -11.81 -1.56 -29.14
N ASP B 476 -10.63 -2.12 -29.44
CA ASP B 476 -9.85 -2.88 -28.48
C ASP B 476 -8.71 -2.09 -27.86
N THR B 477 -8.66 -0.78 -28.08
CA THR B 477 -7.59 0.02 -27.52
C THR B 477 -7.71 0.09 -26.00
N PRO B 478 -6.58 0.16 -25.29
CA PRO B 478 -6.64 0.45 -23.86
C PRO B 478 -7.04 1.89 -23.60
N VAL B 479 -7.47 2.15 -22.37
CA VAL B 479 -7.84 3.50 -21.97
C VAL B 479 -6.88 4.09 -20.93
N GLY B 480 -6.10 3.27 -20.24
CA GLY B 480 -5.04 3.78 -19.40
C GLY B 480 -5.51 4.30 -18.05
N ASP B 481 -4.60 5.01 -17.39
CA ASP B 481 -4.85 5.57 -16.06
C ASP B 481 -5.94 6.63 -16.14
N GLN B 482 -7.06 6.37 -15.48
CA GLN B 482 -8.18 7.32 -15.42
C GLN B 482 -8.63 7.72 -16.83
N ALA B 483 -8.69 6.74 -17.72
CA ALA B 483 -9.07 6.94 -19.11
C ALA B 483 -8.21 8.02 -19.75
N ALA B 484 -6.89 7.82 -19.66
CA ALA B 484 -5.95 8.80 -20.18
C ALA B 484 -5.94 8.83 -21.70
N ARG B 485 -6.14 7.68 -22.33
CA ARG B 485 -6.04 7.60 -23.79
C ARG B 485 -7.15 8.39 -24.47
N LEU B 486 -8.29 8.54 -23.82
CA LEU B 486 -9.42 9.26 -24.38
C LEU B 486 -9.49 10.67 -23.83
N SER B 487 -10.18 11.53 -24.58
CA SER B 487 -10.52 12.85 -24.07
C SER B 487 -11.78 12.74 -23.21
N VAL B 488 -12.08 13.83 -22.49
CA VAL B 488 -13.22 13.81 -21.58
C VAL B 488 -14.52 13.60 -22.34
N GLY B 489 -14.66 14.25 -23.48
CA GLY B 489 -15.86 14.04 -24.29
C GLY B 489 -15.96 12.66 -24.87
N GLN B 490 -14.81 12.07 -25.25
CA GLN B 490 -14.83 10.71 -25.78
C GLN B 490 -15.07 9.69 -24.67
N ALA B 491 -14.53 9.94 -23.48
CA ALA B 491 -14.82 9.07 -22.34
C ALA B 491 -16.27 9.17 -21.93
N GLN B 492 -16.89 10.34 -22.11
CA GLN B 492 -18.30 10.50 -21.77
C GLN B 492 -19.18 9.60 -22.62
N ARG B 493 -18.88 9.49 -23.91
CA ARG B 493 -19.72 8.69 -24.79
C ARG B 493 -19.54 7.21 -24.54
N VAL B 494 -18.36 6.78 -24.10
CA VAL B 494 -18.17 5.37 -23.77
C VAL B 494 -18.97 5.02 -22.52
N ALA B 495 -19.06 5.94 -21.57
CA ALA B 495 -19.90 5.72 -20.40
C ALA B 495 -21.37 5.67 -20.77
N VAL B 496 -21.79 6.47 -21.76
CA VAL B 496 -23.16 6.43 -22.24
C VAL B 496 -23.43 5.09 -22.92
N ALA B 497 -22.44 4.53 -23.61
CA ALA B 497 -22.64 3.25 -24.28
C ALA B 497 -22.90 2.13 -23.29
N ARG B 498 -22.35 2.22 -22.07
CA ARG B 498 -22.66 1.22 -21.04
C ARG B 498 -24.14 1.24 -20.68
N ALA B 499 -24.70 2.44 -20.48
CA ALA B 499 -26.05 2.54 -19.96
C ALA B 499 -27.08 1.98 -20.94
N LEU B 500 -26.83 2.09 -22.23
CA LEU B 500 -27.78 1.71 -23.26
C LEU B 500 -27.64 0.27 -23.73
N LEU B 501 -26.63 -0.46 -23.25
CA LEU B 501 -26.37 -1.79 -23.77
C LEU B 501 -27.25 -2.87 -23.17
N ASN B 502 -27.79 -2.64 -21.97
CA ASN B 502 -28.74 -3.58 -21.39
C ASN B 502 -30.02 -2.88 -21.01
N PRO B 503 -31.17 -3.54 -21.19
CA PRO B 503 -32.43 -2.98 -20.70
C PRO B 503 -32.43 -2.92 -19.18
N CYS B 504 -33.15 -1.95 -18.64
CA CYS B 504 -33.21 -1.72 -17.22
C CYS B 504 -34.63 -1.35 -16.82
N SER B 505 -34.85 -1.18 -15.52
CA SER B 505 -36.11 -0.71 -15.00
C SER B 505 -36.06 0.73 -14.52
N LEU B 506 -34.87 1.25 -14.21
CA LEU B 506 -34.70 2.63 -13.81
C LEU B 506 -33.36 3.11 -14.33
N LEU B 507 -33.37 4.17 -15.14
CA LEU B 507 -32.17 4.73 -15.74
C LEU B 507 -31.84 6.04 -15.04
N LEU B 508 -30.63 6.15 -14.52
CA LEU B 508 -30.19 7.30 -13.74
C LEU B 508 -29.08 8.01 -14.50
N LEU B 509 -29.46 8.97 -15.34
CA LEU B 509 -28.51 9.79 -16.07
C LEU B 509 -28.14 10.99 -15.21
N ASP B 510 -26.86 11.21 -15.02
CA ASP B 510 -26.37 12.34 -14.22
C ASP B 510 -25.44 13.16 -15.09
N GLU B 511 -25.96 14.25 -15.65
CA GLU B 511 -25.25 15.08 -16.63
C GLU B 511 -24.71 14.19 -17.76
N PRO B 512 -25.59 13.46 -18.46
CA PRO B 512 -25.09 12.41 -19.36
C PRO B 512 -24.33 12.94 -20.56
N ALA B 513 -24.52 14.21 -20.92
CA ALA B 513 -23.93 14.78 -22.13
C ALA B 513 -22.92 15.88 -21.81
N ALA B 514 -22.18 15.75 -20.73
CA ALA B 514 -21.16 16.74 -20.40
C ALA B 514 -19.93 16.57 -21.29
N SER B 515 -19.20 17.67 -21.46
CA SER B 515 -17.97 17.70 -22.26
C SER B 515 -18.25 17.38 -23.73
N LEU B 516 -19.46 17.63 -24.19
CA LEU B 516 -19.84 17.42 -25.58
C LEU B 516 -20.20 18.76 -26.21
N ASP B 517 -19.93 18.89 -27.51
CA ASP B 517 -20.19 20.13 -28.23
C ASP B 517 -21.67 20.19 -28.59
N ALA B 518 -22.05 21.17 -29.42
CA ALA B 518 -23.45 21.33 -29.81
C ALA B 518 -23.92 20.13 -30.63
N HIS B 519 -23.10 19.69 -31.57
CA HIS B 519 -23.54 18.65 -32.49
C HIS B 519 -23.40 17.26 -31.89
N SER B 520 -22.33 17.00 -31.14
CA SER B 520 -22.15 15.68 -30.53
C SER B 520 -23.15 15.45 -29.41
N GLU B 521 -23.53 16.52 -28.71
CA GLU B 521 -24.59 16.40 -27.70
C GLU B 521 -25.92 16.04 -28.36
N GLN B 522 -26.22 16.66 -29.50
CA GLN B 522 -27.49 16.40 -30.17
C GLN B 522 -27.57 14.97 -30.69
N ARG B 523 -26.43 14.44 -31.13
CA ARG B 523 -26.35 13.04 -31.64
C ARG B 523 -26.52 12.08 -30.45
N VAL B 524 -25.92 12.40 -29.30
CA VAL B 524 -26.02 11.55 -28.13
C VAL B 524 -27.39 11.66 -27.48
N MET B 525 -27.95 12.87 -27.41
CA MET B 525 -29.24 13.05 -26.78
C MET B 525 -30.37 12.41 -27.59
N GLU B 526 -30.13 12.04 -28.85
CA GLU B 526 -31.11 11.25 -29.57
C GLU B 526 -31.19 9.84 -29.00
N ALA B 527 -30.05 9.25 -28.67
CA ALA B 527 -30.03 7.93 -28.07
C ALA B 527 -30.59 7.95 -26.65
N LEU B 528 -30.26 9.00 -25.89
CA LEU B 528 -30.69 9.08 -24.50
C LEU B 528 -32.17 9.41 -24.39
N ASN B 529 -32.70 10.24 -25.30
CA ASN B 529 -34.13 10.50 -25.29
C ASN B 529 -34.92 9.27 -25.69
N ALA B 530 -34.43 8.53 -26.69
CA ALA B 530 -35.11 7.29 -27.08
C ALA B 530 -35.05 6.26 -25.96
N ALA B 531 -33.91 6.14 -25.28
CA ALA B 531 -33.78 5.19 -24.19
C ALA B 531 -34.62 5.59 -22.99
N SER B 532 -34.81 6.89 -22.78
CA SER B 532 -35.58 7.35 -21.61
C SER B 532 -37.05 6.97 -21.70
N LEU B 533 -37.54 6.61 -22.88
CA LEU B 533 -38.93 6.22 -23.05
C LEU B 533 -39.17 4.74 -22.81
N ARG B 534 -38.12 3.93 -22.77
CA ARG B 534 -38.28 2.49 -22.64
C ARG B 534 -38.49 2.05 -21.19
N GLN B 535 -38.21 2.91 -20.22
CA GLN B 535 -38.34 2.56 -18.82
C GLN B 535 -38.44 3.85 -18.01
N THR B 536 -38.52 3.69 -16.69
CA THR B 536 -38.46 4.85 -15.81
C THR B 536 -37.08 5.50 -15.89
N THR B 537 -37.07 6.82 -16.01
CA THR B 537 -35.83 7.55 -16.21
C THR B 537 -35.84 8.80 -15.35
N LEU B 538 -34.66 9.20 -14.88
CA LEU B 538 -34.50 10.40 -14.07
C LEU B 538 -33.11 10.96 -14.37
N MET B 539 -33.05 12.02 -15.17
CA MET B 539 -31.77 12.61 -15.52
C MET B 539 -31.59 13.96 -14.85
N VAL B 540 -30.34 14.25 -14.49
CA VAL B 540 -29.92 15.55 -14.00
C VAL B 540 -29.23 16.28 -15.14
N THR B 541 -29.65 17.51 -15.40
CA THR B 541 -29.13 18.22 -16.57
C THR B 541 -29.22 19.71 -16.33
N HIS B 542 -28.38 20.46 -17.06
CA HIS B 542 -28.40 21.91 -17.03
C HIS B 542 -29.03 22.52 -18.27
N GLN B 543 -29.11 21.77 -19.37
CA GLN B 543 -29.92 22.21 -20.50
C GLN B 543 -31.37 22.31 -20.08
N LEU B 544 -32.01 23.41 -20.43
CA LEU B 544 -33.43 23.59 -20.13
C LEU B 544 -34.30 23.75 -21.36
N GLU B 545 -33.72 24.14 -22.49
CA GLU B 545 -34.51 24.29 -23.71
C GLU B 545 -34.88 22.95 -24.32
N ASP B 546 -33.92 22.02 -24.37
CA ASP B 546 -34.12 20.77 -25.09
C ASP B 546 -35.17 19.89 -24.45
N LEU B 547 -35.44 20.08 -23.15
CA LEU B 547 -36.38 19.24 -22.43
C LEU B 547 -37.76 19.90 -22.46
N ALA B 548 -38.68 19.32 -23.22
CA ALA B 548 -40.07 19.76 -23.22
C ALA B 548 -41.08 18.63 -23.16
N ASP B 549 -40.72 17.41 -23.55
CA ASP B 549 -41.63 16.27 -23.55
C ASP B 549 -41.48 15.41 -22.31
N TRP B 550 -40.64 15.82 -21.36
CA TRP B 550 -40.40 15.03 -20.16
C TRP B 550 -41.58 15.18 -19.20
N ASP B 551 -41.97 14.06 -18.59
CA ASP B 551 -43.26 13.97 -17.91
C ASP B 551 -43.35 14.90 -16.71
N VAL B 552 -42.22 15.25 -16.10
CA VAL B 552 -42.22 16.12 -14.94
C VAL B 552 -40.82 16.67 -14.76
N ILE B 553 -40.73 17.90 -14.24
CA ILE B 553 -39.46 18.57 -14.02
C ILE B 553 -39.38 18.93 -12.55
N TRP B 554 -38.40 18.37 -11.86
CA TRP B 554 -38.17 18.66 -10.45
C TRP B 554 -37.10 19.73 -10.34
N VAL B 555 -37.35 20.73 -9.50
CA VAL B 555 -36.40 21.81 -9.26
C VAL B 555 -35.91 21.68 -7.82
N MET B 556 -34.64 21.35 -7.66
CA MET B 556 -34.05 21.13 -6.35
C MET B 556 -33.29 22.38 -5.91
N GLN B 557 -33.43 22.73 -4.64
CA GLN B 557 -32.70 23.86 -4.07
C GLN B 557 -32.51 23.61 -2.59
N ASP B 558 -31.26 23.53 -2.16
CA ASP B 558 -30.90 23.26 -0.76
C ASP B 558 -31.50 21.94 -0.27
N GLY B 559 -31.47 20.94 -1.14
CA GLY B 559 -31.91 19.60 -0.78
C GLY B 559 -33.39 19.36 -0.87
N ARG B 560 -34.18 20.31 -1.36
CA ARG B 560 -35.63 20.18 -1.41
C ARG B 560 -36.12 20.41 -2.83
N ILE B 561 -37.16 19.67 -3.20
CA ILE B 561 -37.79 19.80 -4.50
C ILE B 561 -38.89 20.85 -4.36
N ILE B 562 -38.62 22.06 -4.86
CA ILE B 562 -39.52 23.19 -4.65
C ILE B 562 -40.51 23.42 -5.79
N GLU B 563 -40.29 22.84 -6.96
CA GLU B 563 -41.27 22.89 -8.03
C GLU B 563 -41.40 21.55 -8.72
N GLN B 564 -42.53 21.38 -9.40
CA GLN B 564 -42.84 20.20 -10.19
C GLN B 564 -43.74 20.62 -11.34
N GLY B 565 -43.81 19.78 -12.37
CA GLY B 565 -44.70 20.01 -13.48
C GLY B 565 -43.98 20.01 -14.80
N ARG B 566 -44.76 20.19 -15.87
CA ARG B 566 -44.25 20.16 -17.22
C ARG B 566 -43.48 21.44 -17.54
N TYR B 567 -42.81 21.42 -18.69
CA TYR B 567 -42.05 22.59 -19.12
C TYR B 567 -42.97 23.75 -19.50
N ALA B 568 -44.11 23.45 -20.13
CA ALA B 568 -45.05 24.49 -20.51
C ALA B 568 -45.60 25.20 -19.28
N GLU B 569 -45.93 24.44 -18.23
CA GLU B 569 -46.47 25.04 -17.02
C GLU B 569 -45.41 25.81 -16.25
N LEU B 570 -44.22 25.24 -16.11
CA LEU B 570 -43.20 25.81 -15.24
C LEU B 570 -42.52 27.03 -15.84
N SER B 571 -42.34 27.07 -17.16
CA SER B 571 -41.56 28.14 -17.77
C SER B 571 -42.22 29.49 -17.59
N VAL B 572 -43.56 29.54 -17.65
CA VAL B 572 -44.28 30.80 -17.59
C VAL B 572 -44.93 31.04 -16.24
N ALA B 573 -44.66 30.19 -15.25
CA ALA B 573 -45.26 30.32 -13.92
C ALA B 573 -44.37 31.10 -12.95
N GLY B 574 -43.25 31.63 -13.42
CA GLY B 574 -42.33 32.27 -12.49
C GLY B 574 -41.62 31.22 -11.64
N GLY B 575 -41.23 31.64 -10.43
CA GLY B 575 -40.56 30.75 -9.52
C GLY B 575 -39.11 30.53 -9.89
N PRO B 576 -38.44 29.63 -9.18
CA PRO B 576 -37.01 29.39 -9.46
C PRO B 576 -36.72 28.90 -10.86
N PHE B 577 -37.60 28.10 -11.46
CA PHE B 577 -37.32 27.57 -12.79
C PHE B 577 -37.24 28.69 -13.83
N ALA B 578 -38.19 29.62 -13.79
CA ALA B 578 -38.17 30.72 -14.75
C ALA B 578 -36.94 31.60 -14.54
N THR B 579 -36.60 31.90 -13.28
CA THR B 579 -35.41 32.68 -13.00
C THR B 579 -34.15 31.92 -13.41
N LEU B 580 -34.13 30.61 -13.18
CA LEU B 580 -32.99 29.80 -13.61
C LEU B 580 -33.00 29.59 -15.12
N LEU B 581 -34.18 29.68 -15.74
CA LEU B 581 -34.28 29.70 -17.20
C LEU B 581 -34.06 31.10 -17.76
N ALA B 582 -34.18 32.14 -16.93
CA ALA B 582 -33.96 33.50 -17.41
C ALA B 582 -32.52 33.70 -17.84
N HIS B 583 -31.57 33.17 -17.08
CA HIS B 583 -30.17 33.28 -17.45
C HIS B 583 -29.87 32.48 -18.71
N ARG B 584 -30.56 31.35 -18.90
CA ARG B 584 -30.53 30.68 -20.19
C ARG B 584 -31.13 31.58 -21.26
N GLN B 585 -30.57 31.49 -22.48
CA GLN B 585 -30.92 32.32 -23.62
C GLN B 585 -31.12 33.79 -23.22
N GLU B 586 -30.29 34.26 -22.28
CA GLU B 586 -30.41 35.65 -21.85
C GLU B 586 -29.99 36.61 -22.96
N GLU B 587 -28.91 36.29 -23.68
CA GLU B 587 -28.43 37.11 -24.77
C GLU B 587 -29.03 36.71 -26.12
N ILE B 588 -29.90 35.69 -26.14
CA ILE B 588 -30.56 35.28 -27.37
C ILE B 588 -32.07 35.40 -27.21
#